data_3GAG
#
_entry.id   3GAG
#
_cell.length_a   49.112
_cell.length_b   52.478
_cell.length_c   93.105
_cell.angle_alpha   88.130
_cell.angle_beta   80.350
_cell.angle_gamma   62.140
#
_symmetry.space_group_name_H-M   'P 1'
#
loop_
_entity.id
_entity.type
_entity.pdbx_description
1 polymer 'Putative NADH dehydrogenase, NADPH nitroreductase'
2 non-polymer 'FLAVIN MONONUCLEOTIDE'
3 non-polymer 'SULFATE ION'
4 non-polymer GLYCEROL
5 water water
#
_entity_poly.entity_id   1
_entity_poly.type   'polypeptide(L)'
_entity_poly.pdbx_seq_one_letter_code
;G(MSE)(MSE)NDYLNFLDGRVSVRRFDPDAVLPNDLIKD(MSE)LEHASYAPSGNNFQPWRVVVVKNKNKQEDLKKLAA
LQPQVATASAVFLLFGDENAYDLTWWQEFHVQKGIITKDEAAARAERIRQYFDLHPEDKETQGLRLDVGLFA(MSE)NL
(MSE)QVVRVYGYDSVP(MSE)RGVDFDAIKTYLD(MSE)PNGWEPIL(MSE)LPVGKALQAGNPHVRKSVAEFAEIIE
;
_entity_poly.pdbx_strand_id   A,B,C,D
#
loop_
_chem_comp.id
_chem_comp.type
_chem_comp.name
_chem_comp.formula
FMN non-polymer 'FLAVIN MONONUCLEOTIDE' 'C17 H21 N4 O9 P'
GOL non-polymer GLYCEROL 'C3 H8 O3'
SO4 non-polymer 'SULFATE ION' 'O4 S -2'
#
# COMPACT_ATOMS: atom_id res chain seq x y z
N GLY A 1 0.02 -18.00 14.51
CA GLY A 1 0.01 -19.45 14.21
C GLY A 1 -0.72 -19.75 12.91
N MSE A 2 -1.34 -20.93 12.85
CA MSE A 2 -2.04 -21.39 11.66
C MSE A 2 -3.08 -20.42 11.12
O MSE A 2 -3.07 -20.08 9.93
CB MSE A 2 -2.65 -22.78 11.91
CG MSE A 2 -3.81 -23.20 10.97
SE MSE A 2 -4.06 -25.19 10.82
CE MSE A 2 -2.32 -25.65 9.85
N MSE A 3 -3.97 -19.94 11.99
N MSE A 3 -4.00 -19.97 11.99
CA MSE A 3 -5.08 -19.07 11.52
CA MSE A 3 -5.05 -19.03 11.57
C MSE A 3 -4.51 -17.75 10.97
C MSE A 3 -4.46 -17.79 10.94
O MSE A 3 -4.89 -17.32 9.86
O MSE A 3 -4.76 -17.43 9.79
CB MSE A 3 -6.13 -18.85 12.61
CB MSE A 3 -5.93 -18.59 12.74
CG MSE A 3 -6.59 -20.17 13.29
CG MSE A 3 -7.27 -19.27 12.79
SE MSE A 3 -8.41 -20.21 14.08
SE MSE A 3 -8.42 -18.50 14.17
CE MSE A 3 -8.27 -21.86 15.08
CE MSE A 3 -7.80 -16.62 14.08
N ASN A 4 -3.59 -17.14 11.71
CA ASN A 4 -2.93 -15.92 11.28
C ASN A 4 -2.30 -16.11 9.90
N ASP A 5 -1.57 -17.21 9.71
CA ASP A 5 -0.90 -17.46 8.44
C ASP A 5 -1.90 -17.58 7.28
N TYR A 6 -3.00 -18.30 7.50
CA TYR A 6 -4.01 -18.47 6.41
C TYR A 6 -4.66 -17.13 6.10
N LEU A 7 -4.97 -16.34 7.14
CA LEU A 7 -5.55 -15.00 6.89
C LEU A 7 -4.58 -14.10 6.17
N ASN A 8 -3.33 -14.09 6.61
CA ASN A 8 -2.30 -13.34 5.91
C ASN A 8 -2.18 -13.74 4.46
N PHE A 9 -2.25 -15.04 4.18
CA PHE A 9 -2.20 -15.51 2.83
C PHE A 9 -3.40 -15.01 1.99
N LEU A 10 -4.63 -15.17 2.49
CA LEU A 10 -5.81 -14.66 1.76
C LEU A 10 -5.75 -13.16 1.55
N ASP A 11 -5.30 -12.42 2.56
CA ASP A 11 -5.21 -10.97 2.51
C ASP A 11 -4.17 -10.53 1.50
N GLY A 12 -3.20 -11.39 1.23
CA GLY A 12 -2.10 -11.06 0.32
C GLY A 12 -2.51 -10.94 -1.15
N ARG A 13 -3.64 -11.52 -1.52
CA ARG A 13 -4.22 -11.34 -2.89
C ARG A 13 -4.46 -9.84 -3.06
N VAL A 14 -3.76 -9.25 -4.05
CA VAL A 14 -3.83 -7.82 -4.31
C VAL A 14 -3.62 -7.57 -5.83
N SER A 15 -4.07 -6.43 -6.36
CA SER A 15 -3.85 -6.18 -7.78
C SER A 15 -2.40 -5.74 -7.99
N VAL A 16 -1.71 -6.47 -8.86
CA VAL A 16 -0.33 -6.14 -9.24
C VAL A 16 -0.35 -5.77 -10.72
N ARG A 17 0.21 -4.61 -11.06
CA ARG A 17 0.17 -4.15 -12.43
C ARG A 17 1.59 -3.96 -13.04
N ARG A 18 2.62 -4.21 -12.25
CA ARG A 18 4.03 -4.18 -12.70
C ARG A 18 4.59 -5.60 -12.61
N PHE A 19 4.73 -6.30 -13.73
CA PHE A 19 5.28 -7.64 -13.76
C PHE A 19 6.66 -7.68 -14.41
N ASP A 20 7.38 -8.74 -14.10
CA ASP A 20 8.71 -8.98 -14.65
C ASP A 20 8.52 -9.57 -16.03
N PRO A 21 8.89 -8.84 -17.07
CA PRO A 21 8.64 -9.35 -18.43
C PRO A 21 9.55 -10.52 -18.85
N ASP A 22 10.54 -10.81 -18.02
CA ASP A 22 11.43 -11.91 -18.28
C ASP A 22 11.11 -13.16 -17.49
N ALA A 23 10.15 -13.10 -16.57
CA ALA A 23 9.82 -14.24 -15.72
C ALA A 23 8.97 -15.24 -16.49
N VAL A 24 9.35 -16.51 -16.44
CA VAL A 24 8.59 -17.58 -17.13
C VAL A 24 7.68 -18.33 -16.17
N LEU A 25 6.42 -18.51 -16.55
CA LEU A 25 5.48 -19.32 -15.78
C LEU A 25 5.40 -20.67 -16.49
N PRO A 26 5.95 -21.73 -15.90
CA PRO A 26 5.95 -23.02 -16.61
C PRO A 26 4.54 -23.55 -16.88
N ASN A 27 4.35 -24.27 -17.99
N ASN A 27 4.38 -24.31 -17.96
CA ASN A 27 3.00 -24.79 -18.33
CA ASN A 27 3.06 -24.85 -18.34
C ASN A 27 2.47 -25.83 -17.33
C ASN A 27 2.48 -25.82 -17.32
N ASP A 28 3.36 -26.59 -16.71
CA ASP A 28 2.96 -27.53 -15.63
C ASP A 28 2.27 -26.76 -14.53
N LEU A 29 2.79 -25.59 -14.18
CA LEU A 29 2.17 -24.79 -13.15
C LEU A 29 0.87 -24.17 -13.60
N ILE A 30 0.80 -23.72 -14.86
CA ILE A 30 -0.45 -23.16 -15.38
C ILE A 30 -1.55 -24.20 -15.22
N LYS A 31 -1.24 -25.45 -15.56
CA LYS A 31 -2.21 -26.54 -15.47
C LYS A 31 -2.58 -26.78 -14.00
N ASP A 32 -1.58 -26.82 -13.11
CA ASP A 32 -1.84 -26.99 -11.68
C ASP A 32 -2.73 -25.86 -11.20
N MSE A 33 -2.43 -24.61 -11.58
CA MSE A 33 -3.26 -23.49 -11.16
C MSE A 33 -4.72 -23.64 -11.55
O MSE A 33 -5.64 -23.30 -10.79
CB MSE A 33 -2.76 -22.18 -11.74
CG MSE A 33 -1.46 -21.70 -11.14
SE MSE A 33 -0.63 -20.30 -12.27
CE MSE A 33 0.94 -19.71 -10.97
N LEU A 34 -4.94 -24.05 -12.78
CA LEU A 34 -6.31 -24.22 -13.32
C LEU A 34 -7.02 -25.41 -12.65
N GLU A 35 -6.28 -26.46 -12.35
CA GLU A 35 -6.88 -27.65 -11.68
C GLU A 35 -7.38 -27.23 -10.30
N HIS A 36 -6.52 -26.54 -9.55
CA HIS A 36 -6.97 -26.12 -8.22
C HIS A 36 -8.07 -25.08 -8.25
N ALA A 37 -8.03 -24.18 -9.20
CA ALA A 37 -9.08 -23.15 -9.35
C ALA A 37 -10.40 -23.80 -9.66
N SER A 38 -10.32 -24.90 -10.41
CA SER A 38 -11.55 -25.63 -10.77
C SER A 38 -12.31 -26.15 -9.59
N TYR A 39 -11.70 -26.18 -8.40
CA TYR A 39 -12.40 -26.70 -7.21
C TYR A 39 -13.42 -25.72 -6.70
N ALA A 40 -13.49 -24.56 -7.32
CA ALA A 40 -14.53 -23.57 -7.02
C ALA A 40 -15.93 -24.14 -7.13
N PRO A 41 -16.86 -23.63 -6.33
CA PRO A 41 -18.22 -24.14 -6.41
C PRO A 41 -18.90 -23.44 -7.59
N SER A 42 -19.96 -24.04 -8.10
CA SER A 42 -20.79 -23.50 -9.15
C SER A 42 -22.18 -24.15 -8.95
N GLY A 43 -23.25 -23.48 -9.37
CA GLY A 43 -24.62 -24.01 -9.25
C GLY A 43 -24.68 -25.36 -9.90
N ASN A 44 -25.13 -26.36 -9.12
CA ASN A 44 -25.29 -27.72 -9.53
C ASN A 44 -24.01 -28.32 -10.11
N ASN A 45 -22.86 -27.76 -9.75
CA ASN A 45 -21.59 -28.24 -10.27
C ASN A 45 -21.55 -28.23 -11.81
N PHE A 46 -22.21 -27.25 -12.45
CA PHE A 46 -22.12 -27.12 -13.94
C PHE A 46 -20.75 -26.65 -14.45
N GLN A 47 -19.95 -26.00 -13.61
CA GLN A 47 -18.58 -25.63 -14.01
C GLN A 47 -18.53 -24.97 -15.39
N PRO A 48 -19.24 -23.85 -15.56
CA PRO A 48 -19.39 -23.24 -16.90
C PRO A 48 -18.22 -22.41 -17.41
N TRP A 49 -17.11 -22.46 -16.69
CA TRP A 49 -15.93 -21.73 -17.08
C TRP A 49 -15.20 -22.35 -18.24
N ARG A 50 -14.69 -21.48 -19.09
N ARG A 50 -14.72 -21.51 -19.16
CA ARG A 50 -13.80 -21.86 -20.15
CA ARG A 50 -13.78 -21.94 -20.19
C ARG A 50 -12.63 -20.89 -20.04
C ARG A 50 -12.67 -20.91 -20.21
N VAL A 51 -11.43 -21.38 -20.33
CA VAL A 51 -10.25 -20.53 -20.19
C VAL A 51 -9.31 -20.67 -21.38
N VAL A 52 -8.77 -19.54 -21.82
CA VAL A 52 -7.69 -19.55 -22.81
C VAL A 52 -6.49 -18.79 -22.21
N VAL A 53 -5.32 -19.44 -22.14
CA VAL A 53 -4.16 -18.83 -21.53
C VAL A 53 -3.23 -18.51 -22.67
N VAL A 54 -2.89 -17.22 -22.81
CA VAL A 54 -2.01 -16.74 -23.84
C VAL A 54 -0.66 -16.54 -23.21
N LYS A 55 0.32 -17.32 -23.64
CA LYS A 55 1.68 -17.22 -23.13
C LYS A 55 2.58 -17.05 -24.36
N ASN A 56 2.70 -15.80 -24.82
CA ASN A 56 3.36 -15.42 -26.10
C ASN A 56 3.40 -13.91 -26.09
N LYS A 57 4.58 -13.32 -25.94
CA LYS A 57 4.67 -11.87 -25.78
C LYS A 57 4.16 -11.08 -26.99
N ASN A 58 4.43 -11.59 -28.19
CA ASN A 58 3.93 -10.96 -29.42
C ASN A 58 2.41 -10.83 -29.39
N LYS A 59 1.73 -11.93 -29.06
CA LYS A 59 0.30 -11.88 -28.94
C LYS A 59 -0.16 -11.01 -27.79
N GLN A 60 0.54 -11.04 -26.65
CA GLN A 60 0.20 -10.18 -25.52
C GLN A 60 0.31 -8.69 -25.86
N GLU A 61 1.31 -8.30 -26.64
CA GLU A 61 1.39 -6.92 -27.14
C GLU A 61 0.16 -6.55 -27.98
N ASP A 62 -0.31 -7.44 -28.83
CA ASP A 62 -1.55 -7.19 -29.58
C ASP A 62 -2.71 -7.04 -28.62
N LEU A 63 -2.77 -7.88 -27.59
CA LEU A 63 -3.82 -7.81 -26.59
C LEU A 63 -3.70 -6.49 -25.79
N LYS A 64 -2.48 -6.02 -25.57
CA LYS A 64 -2.29 -4.78 -24.84
C LYS A 64 -2.93 -3.64 -25.61
N LYS A 65 -2.80 -3.65 -26.93
CA LYS A 65 -3.41 -2.61 -27.75
C LYS A 65 -4.94 -2.59 -27.62
N LEU A 66 -5.51 -3.73 -27.26
CA LEU A 66 -6.96 -3.87 -27.10
C LEU A 66 -7.40 -3.74 -25.65
N ALA A 67 -6.45 -3.38 -24.80
CA ALA A 67 -6.67 -3.23 -23.39
C ALA A 67 -6.24 -1.82 -22.92
N ALA A 68 -6.48 -0.82 -23.78
CA ALA A 68 -6.18 0.57 -23.44
C ALA A 68 -4.73 0.78 -23.05
N LEU A 69 -3.86 0.06 -23.74
CA LEU A 69 -2.43 0.11 -23.50
C LEU A 69 -2.01 -0.08 -22.02
N GLN A 70 -2.78 -0.89 -21.28
CA GLN A 70 -2.44 -1.19 -19.91
C GLN A 70 -1.22 -2.12 -19.99
N PRO A 71 -0.11 -1.71 -19.40
CA PRO A 71 1.15 -2.41 -19.63
C PRO A 71 1.26 -3.84 -19.08
N GLN A 72 0.50 -4.12 -18.03
CA GLN A 72 0.53 -5.44 -17.40
C GLN A 72 0.15 -6.55 -18.36
N VAL A 73 -0.62 -6.23 -19.39
CA VAL A 73 -1.04 -7.27 -20.35
C VAL A 73 0.18 -7.82 -21.10
N ALA A 74 1.15 -6.97 -21.41
CA ALA A 74 2.30 -7.36 -22.17
C ALA A 74 3.51 -7.82 -21.36
N THR A 75 3.56 -7.49 -20.07
CA THR A 75 4.70 -7.88 -19.25
C THR A 75 4.44 -9.17 -18.51
N ALA A 76 3.18 -9.52 -18.35
CA ALA A 76 2.83 -10.72 -17.59
C ALA A 76 3.39 -11.99 -18.20
N SER A 77 3.59 -12.98 -17.34
CA SER A 77 4.08 -14.29 -17.76
C SER A 77 3.05 -15.00 -18.62
N ALA A 78 1.78 -14.81 -18.32
CA ALA A 78 0.71 -15.35 -19.15
C ALA A 78 -0.53 -14.55 -18.88
N VAL A 79 -1.42 -14.50 -19.84
CA VAL A 79 -2.72 -13.81 -19.68
C VAL A 79 -3.81 -14.84 -19.72
N PHE A 80 -4.52 -14.98 -18.61
CA PHE A 80 -5.61 -15.92 -18.49
C PHE A 80 -6.91 -15.22 -18.90
N LEU A 81 -7.52 -15.67 -19.96
CA LEU A 81 -8.83 -15.17 -20.43
C LEU A 81 -9.93 -16.10 -19.95
N LEU A 82 -10.80 -15.57 -19.07
CA LEU A 82 -11.86 -16.39 -18.50
C LEU A 82 -13.19 -16.05 -19.14
N PHE A 83 -13.84 -17.08 -19.69
CA PHE A 83 -15.14 -17.01 -20.33
C PHE A 83 -16.15 -17.89 -19.58
N GLY A 84 -17.44 -17.66 -19.86
CA GLY A 84 -18.50 -18.54 -19.41
C GLY A 84 -19.19 -19.05 -20.67
N ASP A 85 -19.54 -20.30 -20.67
CA ASP A 85 -20.20 -20.87 -21.85
C ASP A 85 -21.62 -21.21 -21.46
N GLU A 86 -22.60 -20.50 -21.98
CA GLU A 86 -23.97 -20.78 -21.52
C GLU A 86 -24.43 -22.16 -21.97
N ASN A 87 -23.77 -22.73 -22.97
CA ASN A 87 -24.12 -24.09 -23.35
C ASN A 87 -23.74 -25.09 -22.26
N ALA A 88 -23.01 -24.63 -21.25
CA ALA A 88 -22.56 -25.52 -20.18
C ALA A 88 -23.70 -25.99 -19.31
N TYR A 89 -24.80 -25.25 -19.29
CA TYR A 89 -25.92 -25.58 -18.43
C TYR A 89 -26.79 -26.60 -19.19
N ASP A 90 -26.22 -27.76 -19.44
CA ASP A 90 -26.83 -28.83 -20.25
C ASP A 90 -27.19 -29.99 -19.36
N LEU A 91 -28.48 -30.31 -19.29
CA LEU A 91 -28.93 -31.36 -18.38
C LEU A 91 -28.55 -32.78 -18.80
N THR A 92 -28.38 -33.04 -20.08
CA THR A 92 -27.89 -34.33 -20.53
C THR A 92 -26.47 -34.55 -19.98
N TRP A 93 -25.56 -33.62 -20.28
CA TRP A 93 -24.21 -33.71 -19.71
C TRP A 93 -24.25 -33.92 -18.22
N TRP A 94 -25.03 -33.10 -17.53
CA TRP A 94 -25.06 -33.14 -16.07
C TRP A 94 -25.34 -34.54 -15.57
N GLN A 95 -26.32 -35.19 -16.17
CA GLN A 95 -26.63 -36.55 -15.75
C GLN A 95 -25.44 -37.47 -16.02
N GLU A 96 -24.92 -37.42 -17.24
CA GLU A 96 -23.85 -38.32 -17.68
C GLU A 96 -22.64 -38.16 -16.77
N PHE A 97 -22.22 -36.91 -16.58
CA PHE A 97 -21.04 -36.60 -15.77
C PHE A 97 -21.20 -37.11 -14.35
N HIS A 98 -22.33 -36.85 -13.70
CA HIS A 98 -22.46 -37.25 -12.30
C HIS A 98 -22.69 -38.74 -12.10
N VAL A 99 -23.27 -39.39 -13.10
CA VAL A 99 -23.47 -40.84 -13.01
C VAL A 99 -22.15 -41.58 -13.31
N GLN A 100 -21.41 -41.12 -14.32
N GLN A 100 -21.42 -41.14 -14.34
CA GLN A 100 -20.12 -41.75 -14.67
CA GLN A 100 -20.11 -41.73 -14.66
C GLN A 100 -19.11 -41.60 -13.54
C GLN A 100 -19.23 -41.65 -13.43
N LYS A 101 -19.17 -40.48 -12.81
CA LYS A 101 -18.26 -40.26 -11.68
C LYS A 101 -18.68 -40.98 -10.38
N GLY A 102 -19.82 -41.68 -10.40
CA GLY A 102 -20.31 -42.43 -9.23
C GLY A 102 -20.86 -41.55 -8.13
N ILE A 103 -21.26 -40.32 -8.49
CA ILE A 103 -21.79 -39.38 -7.53
C ILE A 103 -23.27 -39.72 -7.18
N ILE A 104 -24.01 -40.21 -8.17
CA ILE A 104 -25.44 -40.47 -8.00
C ILE A 104 -25.94 -41.53 -8.98
N THR A 105 -27.08 -42.16 -8.66
CA THR A 105 -27.67 -43.19 -9.52
C THR A 105 -28.23 -42.58 -10.80
N LYS A 106 -28.36 -43.40 -11.85
CA LYS A 106 -28.88 -42.94 -13.15
C LYS A 106 -30.31 -42.39 -13.02
N ASP A 107 -31.17 -43.12 -12.31
CA ASP A 107 -32.56 -42.70 -12.10
C ASP A 107 -32.65 -41.45 -11.22
N GLU A 108 -31.76 -41.36 -10.23
CA GLU A 108 -31.68 -40.20 -9.36
C GLU A 108 -31.28 -38.98 -10.19
N ALA A 109 -30.48 -39.22 -11.23
CA ALA A 109 -30.01 -38.16 -12.13
C ALA A 109 -31.16 -37.55 -12.93
N ALA A 110 -31.98 -38.40 -13.51
CA ALA A 110 -33.13 -37.97 -14.28
C ALA A 110 -34.08 -37.15 -13.40
N ALA A 111 -34.27 -37.61 -12.15
CA ALA A 111 -35.11 -36.90 -11.18
C ALA A 111 -34.54 -35.54 -10.82
N ARG A 112 -33.23 -35.51 -10.59
CA ARG A 112 -32.53 -34.28 -10.23
C ARG A 112 -32.56 -33.30 -11.39
N ALA A 113 -32.31 -33.83 -12.58
CA ALA A 113 -32.33 -33.03 -13.80
C ALA A 113 -33.66 -32.26 -13.93
N GLU A 114 -34.77 -32.93 -13.64
CA GLU A 114 -36.07 -32.29 -13.81
C GLU A 114 -36.26 -31.15 -12.83
N ARG A 115 -35.74 -31.32 -11.61
CA ARG A 115 -35.77 -30.27 -10.60
C ARG A 115 -34.87 -29.12 -10.99
N ILE A 116 -33.74 -29.43 -11.63
CA ILE A 116 -32.87 -28.39 -12.16
C ILE A 116 -33.57 -27.62 -13.25
N ARG A 117 -34.25 -28.33 -14.16
CA ARG A 117 -35.02 -27.67 -15.20
C ARG A 117 -36.09 -26.74 -14.60
N GLN A 118 -36.78 -27.24 -13.58
CA GLN A 118 -37.83 -26.46 -12.93
C GLN A 118 -37.25 -25.16 -12.37
N TYR A 119 -36.09 -25.25 -11.73
CA TYR A 119 -35.45 -24.09 -11.17
C TYR A 119 -35.06 -23.09 -12.23
N PHE A 120 -34.44 -23.56 -13.31
CA PHE A 120 -34.12 -22.62 -14.37
C PHE A 120 -35.37 -22.02 -15.01
N ASP A 121 -36.49 -22.72 -14.98
CA ASP A 121 -37.68 -22.18 -15.60
C ASP A 121 -38.14 -20.93 -14.86
N LEU A 122 -38.02 -20.99 -13.56
CA LEU A 122 -38.38 -19.88 -12.69
C LEU A 122 -37.34 -18.78 -12.84
N HIS A 123 -36.06 -19.17 -12.87
CA HIS A 123 -34.95 -18.21 -12.89
C HIS A 123 -34.04 -18.44 -14.05
N PRO A 124 -34.53 -18.07 -15.24
CA PRO A 124 -33.81 -18.31 -16.48
C PRO A 124 -32.51 -17.58 -16.55
N GLU A 125 -32.37 -16.50 -15.78
CA GLU A 125 -31.13 -15.72 -15.83
C GLU A 125 -29.95 -16.52 -15.36
N ASP A 126 -30.21 -17.48 -14.49
CA ASP A 126 -29.15 -18.27 -13.91
C ASP A 126 -28.51 -19.24 -14.87
N LYS A 127 -29.11 -19.47 -16.05
CA LYS A 127 -28.43 -20.24 -17.08
C LYS A 127 -27.97 -19.33 -18.22
N GLU A 128 -27.96 -18.01 -17.96
CA GLU A 128 -27.55 -17.01 -18.95
C GLU A 128 -26.43 -16.19 -18.35
N THR A 129 -26.22 -14.97 -18.82
N THR A 129 -26.14 -15.02 -18.90
CA THR A 129 -25.06 -14.21 -18.36
CA THR A 129 -24.89 -14.33 -18.52
C THR A 129 -25.03 -13.97 -16.83
C THR A 129 -24.79 -14.03 -17.02
N GLN A 130 -26.20 -13.77 -16.22
N GLN A 130 -25.92 -13.78 -16.35
CA GLN A 130 -26.22 -13.53 -14.78
CA GLN A 130 -25.93 -13.54 -14.89
C GLN A 130 -25.59 -14.71 -14.01
C GLN A 130 -25.39 -14.74 -14.13
N GLY A 131 -25.94 -15.92 -14.44
CA GLY A 131 -25.42 -17.16 -13.83
C GLY A 131 -23.93 -17.33 -14.11
N LEU A 132 -23.52 -17.07 -15.34
CA LEU A 132 -22.13 -17.18 -15.71
C LEU A 132 -21.24 -16.24 -14.90
N ARG A 133 -21.68 -15.00 -14.77
CA ARG A 133 -20.91 -13.99 -14.07
C ARG A 133 -20.62 -14.46 -12.64
N LEU A 134 -21.65 -15.01 -11.97
CA LEU A 134 -21.46 -15.54 -10.64
C LEU A 134 -20.54 -16.76 -10.60
N ASP A 135 -20.88 -17.78 -11.40
CA ASP A 135 -20.14 -19.02 -11.42
C ASP A 135 -18.65 -18.80 -11.78
N VAL A 136 -18.39 -18.03 -12.84
CA VAL A 136 -17.01 -17.83 -13.30
C VAL A 136 -16.35 -16.84 -12.35
N GLY A 137 -17.13 -15.96 -11.70
CA GLY A 137 -16.56 -15.06 -10.68
C GLY A 137 -16.01 -15.89 -9.51
N LEU A 138 -16.73 -16.93 -9.10
CA LEU A 138 -16.25 -17.78 -8.02
C LEU A 138 -14.91 -18.43 -8.45
N PHE A 139 -14.87 -18.96 -9.66
CA PHE A 139 -13.64 -19.58 -10.24
C PHE A 139 -12.53 -18.59 -10.26
N ALA A 140 -12.80 -17.37 -10.71
CA ALA A 140 -11.78 -16.32 -10.84
C ALA A 140 -11.12 -15.98 -9.54
N MSE A 141 -11.91 -15.81 -8.51
CA MSE A 141 -11.37 -15.51 -7.16
C MSE A 141 -10.51 -16.69 -6.70
O MSE A 141 -9.41 -16.49 -6.17
CB MSE A 141 -12.53 -15.24 -6.19
CG MSE A 141 -12.10 -14.98 -4.79
SE MSE A 141 -11.54 -13.10 -4.59
CE MSE A 141 -9.74 -13.33 -4.83
N ASN A 142 -10.97 -17.90 -6.92
CA ASN A 142 -10.18 -19.10 -6.50
C ASN A 142 -8.86 -19.10 -7.25
N LEU A 143 -8.91 -18.82 -8.56
CA LEU A 143 -7.66 -18.72 -9.33
C LEU A 143 -6.71 -17.69 -8.80
N MSE A 144 -7.21 -16.48 -8.55
CA MSE A 144 -6.37 -15.44 -7.96
C MSE A 144 -5.66 -15.83 -6.66
O MSE A 144 -4.55 -15.43 -6.45
CB MSE A 144 -7.13 -14.15 -7.85
CG MSE A 144 -7.52 -13.59 -9.16
SE MSE A 144 -8.36 -11.77 -8.92
CE MSE A 144 -10.28 -12.35 -9.17
N GLN A 145 -6.29 -16.61 -5.81
CA GLN A 145 -5.71 -17.11 -4.56
C GLN A 145 -4.71 -18.19 -4.85
N VAL A 146 -5.08 -19.12 -5.73
CA VAL A 146 -4.16 -20.20 -6.13
C VAL A 146 -2.87 -19.69 -6.77
N VAL A 147 -2.91 -18.63 -7.59
CA VAL A 147 -1.68 -18.19 -8.23
C VAL A 147 -0.65 -17.68 -7.19
N ARG A 148 -1.18 -17.11 -6.10
N ARG A 148 -1.13 -17.16 -6.09
CA ARG A 148 -0.39 -16.60 -4.95
CA ARG A 148 -0.20 -16.66 -5.07
C ARG A 148 0.44 -17.73 -4.29
C ARG A 148 0.51 -17.76 -4.31
N VAL A 149 -0.12 -18.93 -4.25
CA VAL A 149 0.56 -20.12 -3.64
C VAL A 149 1.91 -20.38 -4.31
N TYR A 150 1.96 -20.12 -5.62
CA TYR A 150 3.15 -20.41 -6.40
C TYR A 150 4.10 -19.20 -6.52
N GLY A 151 3.80 -18.11 -5.81
CA GLY A 151 4.69 -16.92 -5.85
C GLY A 151 4.40 -15.92 -6.96
N TYR A 152 3.26 -16.10 -7.62
CA TYR A 152 2.84 -15.23 -8.68
C TYR A 152 1.76 -14.29 -8.16
N ASP A 153 1.43 -13.28 -8.98
CA ASP A 153 0.39 -12.31 -8.66
C ASP A 153 -0.41 -12.06 -9.92
N SER A 154 -1.44 -11.26 -9.78
CA SER A 154 -2.38 -11.01 -10.90
C SER A 154 -3.05 -9.69 -10.75
N VAL A 155 -3.84 -9.35 -11.76
CA VAL A 155 -4.79 -8.20 -11.69
C VAL A 155 -6.02 -8.55 -12.52
N PRO A 156 -7.20 -8.55 -11.91
CA PRO A 156 -8.37 -8.83 -12.74
C PRO A 156 -8.77 -7.63 -13.60
N MSE A 157 -9.27 -7.88 -14.80
CA MSE A 157 -9.58 -6.79 -15.72
C MSE A 157 -10.82 -7.00 -16.55
O MSE A 157 -11.13 -8.14 -16.95
CB MSE A 157 -8.42 -6.60 -16.71
CG MSE A 157 -7.09 -6.33 -16.01
SE MSE A 157 -5.66 -6.32 -17.24
CE MSE A 157 -6.13 -4.74 -18.26
N ARG A 158 -11.58 -5.92 -16.70
CA ARG A 158 -12.63 -5.75 -17.74
C ARG A 158 -12.45 -4.46 -18.57
N GLY A 159 -11.47 -3.59 -18.24
CA GLY A 159 -11.24 -2.33 -19.03
C GLY A 159 -10.50 -2.57 -20.35
N VAL A 160 -11.10 -3.44 -21.16
CA VAL A 160 -10.50 -3.92 -22.39
C VAL A 160 -11.62 -4.09 -23.43
N ASP A 161 -11.24 -4.31 -24.67
CA ASP A 161 -12.21 -4.50 -25.74
C ASP A 161 -12.42 -6.00 -26.01
N PHE A 162 -13.34 -6.60 -25.25
CA PHE A 162 -13.53 -8.04 -25.31
C PHE A 162 -14.02 -8.48 -26.70
N ASP A 163 -14.79 -7.62 -27.37
CA ASP A 163 -15.22 -7.95 -28.73
C ASP A 163 -14.02 -8.12 -29.68
N ALA A 164 -13.06 -7.20 -29.60
CA ALA A 164 -11.90 -7.26 -30.49
C ALA A 164 -10.97 -8.41 -30.13
N ILE A 165 -10.89 -8.70 -28.82
CA ILE A 165 -10.07 -9.81 -28.31
C ILE A 165 -10.63 -11.15 -28.81
N LYS A 166 -11.95 -11.34 -28.67
CA LYS A 166 -12.61 -12.55 -29.17
C LYS A 166 -12.29 -12.76 -30.64
N THR A 167 -12.32 -11.66 -31.41
CA THR A 167 -12.02 -11.71 -32.83
C THR A 167 -10.54 -11.99 -33.09
N TYR A 168 -9.69 -11.41 -32.26
CA TYR A 168 -8.24 -11.55 -32.44
C TYR A 168 -7.78 -12.99 -32.22
N LEU A 169 -8.51 -13.69 -31.33
CA LEU A 169 -8.19 -15.04 -30.94
C LEU A 169 -9.13 -16.10 -31.55
N ASP A 170 -10.10 -15.68 -32.36
CA ASP A 170 -11.02 -16.62 -32.99
C ASP A 170 -11.81 -17.44 -31.95
N MSE A 171 -12.38 -16.74 -30.97
CA MSE A 171 -13.14 -17.37 -29.88
C MSE A 171 -14.56 -17.71 -30.33
O MSE A 171 -15.09 -17.02 -31.19
CB MSE A 171 -13.26 -16.40 -28.71
CG MSE A 171 -11.95 -16.00 -28.09
SE MSE A 171 -11.10 -17.50 -27.18
CE MSE A 171 -10.18 -18.38 -28.71
N PRO A 172 -15.17 -18.76 -29.74
CA PRO A 172 -16.55 -19.05 -30.09
C PRO A 172 -17.51 -17.93 -29.69
N ASN A 173 -18.63 -17.85 -30.39
CA ASN A 173 -19.66 -16.84 -30.16
C ASN A 173 -20.45 -17.08 -28.87
N GLY A 174 -20.67 -18.35 -28.51
CA GLY A 174 -21.44 -18.72 -27.31
C GLY A 174 -20.71 -18.45 -25.99
N TRP A 175 -19.45 -18.03 -26.10
CA TRP A 175 -18.65 -17.77 -24.91
C TRP A 175 -18.66 -16.31 -24.53
N GLU A 176 -19.07 -16.05 -23.30
N GLU A 176 -19.17 -16.04 -23.32
CA GLU A 176 -19.20 -14.73 -22.81
CA GLU A 176 -19.23 -14.68 -22.79
C GLU A 176 -17.93 -14.37 -22.05
C GLU A 176 -17.92 -14.39 -22.08
N PRO A 177 -17.28 -13.28 -22.45
CA PRO A 177 -16.04 -12.88 -21.74
C PRO A 177 -16.37 -12.43 -20.32
N ILE A 178 -15.66 -12.95 -19.34
CA ILE A 178 -15.94 -12.57 -17.94
C ILE A 178 -14.81 -11.70 -17.38
N LEU A 179 -13.55 -12.14 -17.54
N LEU A 179 -13.58 -12.15 -17.62
CA LEU A 179 -12.45 -11.42 -16.94
CA LEU A 179 -12.42 -11.55 -17.03
C LEU A 179 -11.15 -11.80 -17.65
C LEU A 179 -11.18 -11.79 -17.86
N MSE A 180 -10.29 -10.81 -17.84
CA MSE A 180 -8.94 -10.96 -18.35
C MSE A 180 -8.04 -10.90 -17.12
O MSE A 180 -8.15 -9.95 -16.28
CB MSE A 180 -8.55 -9.88 -19.32
CG MSE A 180 -7.07 -9.87 -19.57
SE MSE A 180 -6.43 -8.49 -20.84
CE MSE A 180 -7.02 -9.28 -22.14
N LEU A 181 -7.18 -11.91 -16.95
CA LEU A 181 -6.31 -11.97 -15.78
C LEU A 181 -4.84 -12.19 -16.13
N PRO A 182 -4.08 -11.12 -16.32
CA PRO A 182 -2.64 -11.25 -16.40
C PRO A 182 -2.04 -11.82 -15.11
N VAL A 183 -1.10 -12.76 -15.23
CA VAL A 183 -0.44 -13.43 -14.10
C VAL A 183 1.08 -13.32 -14.34
N GLY A 184 1.83 -12.97 -13.31
CA GLY A 184 3.27 -12.84 -13.41
C GLY A 184 3.96 -12.63 -12.10
N LYS A 185 5.27 -12.40 -12.17
N LYS A 185 5.27 -12.42 -12.16
CA LYS A 185 6.05 -12.13 -10.99
CA LYS A 185 6.05 -12.14 -10.98
C LYS A 185 6.07 -10.63 -10.76
C LYS A 185 6.06 -10.63 -10.76
N ALA A 186 5.65 -10.21 -9.58
CA ALA A 186 5.55 -8.79 -9.27
C ALA A 186 6.88 -8.14 -9.24
N LEU A 187 6.98 -6.98 -9.89
CA LEU A 187 8.18 -6.13 -9.75
C LEU A 187 7.97 -5.03 -8.71
N GLN A 188 6.70 -4.75 -8.42
CA GLN A 188 6.26 -3.78 -7.42
C GLN A 188 5.15 -4.42 -6.62
N ALA A 189 5.15 -4.24 -5.31
CA ALA A 189 4.09 -4.81 -4.47
C ALA A 189 2.74 -4.09 -4.70
N GLY A 190 1.65 -4.79 -4.41
CA GLY A 190 0.32 -4.21 -4.48
C GLY A 190 0.18 -3.33 -3.23
N ASN A 191 -0.90 -2.57 -3.23
CA ASN A 191 -1.20 -1.69 -2.12
C ASN A 191 -2.01 -2.32 -1.02
N PRO A 192 -1.90 -1.80 0.20
CA PRO A 192 -2.85 -2.26 1.21
C PRO A 192 -4.29 -2.02 0.70
N HIS A 193 -5.19 -2.90 1.05
CA HIS A 193 -6.54 -2.82 0.54
C HIS A 193 -7.24 -1.65 1.21
N VAL A 194 -7.89 -0.81 0.40
CA VAL A 194 -8.68 0.32 0.91
C VAL A 194 -10.14 -0.04 0.72
N ARG A 195 -10.90 -0.12 1.80
CA ARG A 195 -12.25 -0.63 1.71
C ARG A 195 -13.16 0.13 2.69
N LYS A 196 -14.43 0.13 2.35
CA LYS A 196 -15.50 0.60 3.22
C LYS A 196 -15.51 -0.34 4.42
N SER A 197 -15.85 0.16 5.61
CA SER A 197 -15.86 -0.69 6.79
C SER A 197 -17.05 -1.65 6.78
N VAL A 198 -16.95 -2.71 7.59
CA VAL A 198 -17.98 -3.69 7.68
C VAL A 198 -19.34 -3.04 8.02
N ALA A 199 -19.36 -2.10 8.96
CA ALA A 199 -20.64 -1.46 9.34
C ALA A 199 -21.27 -0.64 8.22
N GLU A 200 -20.48 -0.30 7.20
N GLU A 200 -20.51 -0.28 7.20
CA GLU A 200 -20.94 0.44 6.01
CA GLU A 200 -21.07 0.45 6.07
C GLU A 200 -21.56 -0.46 4.94
C GLU A 200 -21.82 -0.49 5.12
N PHE A 201 -21.41 -1.77 5.08
CA PHE A 201 -22.05 -2.70 4.12
C PHE A 201 -22.80 -3.91 4.68
N ALA A 202 -22.70 -4.13 5.98
CA ALA A 202 -23.25 -5.33 6.61
C ALA A 202 -24.05 -5.03 7.89
N GLU A 203 -25.08 -5.85 8.11
CA GLU A 203 -25.92 -5.79 9.31
C GLU A 203 -26.00 -7.20 9.89
N ILE A 204 -25.90 -7.36 11.20
CA ILE A 204 -26.07 -8.65 11.82
C ILE A 204 -27.32 -8.58 12.66
N ILE A 205 -28.25 -9.48 12.39
CA ILE A 205 -29.52 -9.52 13.12
C ILE A 205 -29.59 -10.74 14.01
N GLU A 206 -29.76 -10.54 15.31
CA GLU A 206 -29.97 -11.64 16.24
C GLU A 206 -31.38 -11.58 16.86
N MSE B 2 4.91 -24.81 3.13
CA MSE B 2 3.99 -23.72 3.57
C MSE B 2 3.06 -23.33 2.44
O MSE B 2 1.86 -23.04 2.66
CB MSE B 2 4.77 -22.51 4.03
CG MSE B 2 3.92 -21.49 4.78
SE MSE B 2 4.85 -19.80 5.18
CE MSE B 2 5.24 -19.21 3.24
N MSE B 3 3.61 -23.28 1.24
CA MSE B 3 2.80 -23.06 0.04
C MSE B 3 1.90 -24.28 -0.16
O MSE B 3 0.75 -24.18 -0.55
CB MSE B 3 3.67 -22.81 -1.20
CG MSE B 3 4.65 -21.62 -1.06
SE MSE B 3 4.04 -20.07 0.06
CE MSE B 3 2.51 -19.44 -0.98
N ASN B 4 2.44 -25.46 0.17
CA ASN B 4 1.67 -26.69 0.11
C ASN B 4 0.56 -26.67 1.16
N ASP B 5 0.83 -26.09 2.32
CA ASP B 5 -0.20 -25.94 3.34
C ASP B 5 -1.31 -25.00 2.83
N TYR B 6 -0.91 -23.95 2.14
CA TYR B 6 -1.92 -22.98 1.64
C TYR B 6 -2.76 -23.63 0.56
N LEU B 7 -2.14 -24.43 -0.28
CA LEU B 7 -2.85 -25.08 -1.34
C LEU B 7 -3.84 -26.10 -0.79
N ASN B 8 -3.39 -26.91 0.16
CA ASN B 8 -4.27 -27.86 0.83
C ASN B 8 -5.44 -27.14 1.55
N PHE B 9 -5.16 -25.98 2.15
CA PHE B 9 -6.21 -25.19 2.78
C PHE B 9 -7.28 -24.80 1.75
N LEU B 10 -6.86 -24.17 0.66
CA LEU B 10 -7.82 -23.78 -0.37
C LEU B 10 -8.61 -24.98 -0.89
N ASP B 11 -7.92 -26.10 -1.14
CA ASP B 11 -8.58 -27.32 -1.63
C ASP B 11 -9.60 -27.87 -0.65
N GLY B 12 -9.46 -27.51 0.61
CA GLY B 12 -10.34 -28.04 1.63
C GLY B 12 -11.75 -27.49 1.65
N ARG B 13 -12.01 -26.41 0.92
CA ARG B 13 -13.34 -25.85 0.86
C ARG B 13 -14.24 -26.74 0.02
N VAL B 14 -15.28 -27.29 0.65
CA VAL B 14 -16.31 -28.04 -0.03
C VAL B 14 -17.64 -27.57 0.60
N SER B 15 -18.77 -27.87 -0.05
CA SER B 15 -20.05 -27.51 0.52
C SER B 15 -20.36 -28.47 1.66
N VAL B 16 -20.70 -27.89 2.81
CA VAL B 16 -21.16 -28.61 3.98
C VAL B 16 -22.63 -28.25 4.18
N ARG B 17 -23.47 -29.29 4.27
CA ARG B 17 -24.89 -29.13 4.47
C ARG B 17 -25.40 -29.69 5.81
N ARG B 18 -24.50 -30.30 6.58
CA ARG B 18 -24.87 -30.83 7.91
C ARG B 18 -24.10 -30.06 8.94
N PHE B 19 -24.81 -29.16 9.63
CA PHE B 19 -24.22 -28.29 10.64
C PHE B 19 -24.70 -28.65 12.02
N ASP B 20 -23.89 -28.29 13.01
CA ASP B 20 -24.20 -28.50 14.40
C ASP B 20 -25.13 -27.39 14.87
N PRO B 21 -26.42 -27.71 15.17
CA PRO B 21 -27.33 -26.62 15.55
C PRO B 21 -27.03 -25.97 16.87
N ASP B 22 -26.14 -26.56 17.67
CA ASP B 22 -25.72 -25.96 18.94
C ASP B 22 -24.44 -25.12 18.88
N ALA B 23 -23.69 -25.19 17.78
CA ALA B 23 -22.46 -24.37 17.59
C ALA B 23 -22.83 -22.92 17.41
N VAL B 24 -21.99 -22.01 17.90
CA VAL B 24 -22.24 -20.61 17.86
C VAL B 24 -21.16 -19.96 17.02
N LEU B 25 -21.56 -18.94 16.27
CA LEU B 25 -20.62 -18.11 15.52
C LEU B 25 -20.78 -16.73 16.08
N PRO B 26 -19.84 -16.31 16.93
CA PRO B 26 -19.96 -15.03 17.61
C PRO B 26 -19.84 -13.82 16.68
N ASN B 27 -20.48 -12.73 17.06
CA ASN B 27 -20.48 -11.54 16.20
C ASN B 27 -19.10 -10.96 15.95
N ASP B 28 -18.19 -11.05 16.92
CA ASP B 28 -16.83 -10.54 16.71
C ASP B 28 -16.15 -11.27 15.55
N LEU B 29 -16.30 -12.58 15.49
CA LEU B 29 -15.74 -13.31 14.36
C LEU B 29 -16.47 -12.97 13.05
N ILE B 30 -17.80 -12.83 13.07
CA ILE B 30 -18.56 -12.43 11.88
C ILE B 30 -18.01 -11.17 11.31
N LYS B 31 -17.75 -10.19 12.17
CA LYS B 31 -17.21 -8.93 11.70
C LYS B 31 -15.82 -9.13 11.08
N ASP B 32 -14.94 -9.89 11.75
CA ASP B 32 -13.61 -10.19 11.17
C ASP B 32 -13.73 -10.92 9.83
N MSE B 33 -14.64 -11.88 9.74
CA MSE B 33 -14.80 -12.62 8.49
C MSE B 33 -15.20 -11.65 7.37
O MSE B 33 -14.67 -11.71 6.25
CB MSE B 33 -15.91 -13.65 8.66
CG MSE B 33 -15.52 -14.83 9.52
SE MSE B 33 -17.13 -15.90 9.93
CE MSE B 33 -16.15 -17.31 10.79
N LEU B 34 -16.16 -10.80 7.65
CA LEU B 34 -16.61 -9.81 6.66
C LEU B 34 -15.51 -8.81 6.25
N GLU B 35 -14.68 -8.39 7.17
CA GLU B 35 -13.64 -7.47 6.89
C GLU B 35 -12.63 -8.15 5.98
N HIS B 36 -12.18 -9.33 6.34
CA HIS B 36 -11.28 -10.06 5.42
C HIS B 36 -11.90 -10.40 4.06
N ALA B 37 -13.19 -10.78 4.04
CA ALA B 37 -13.87 -11.07 2.78
C ALA B 37 -13.89 -9.83 1.85
N SER B 38 -14.02 -8.67 2.47
CA SER B 38 -14.13 -7.40 1.74
C SER B 38 -12.85 -7.02 0.99
N TYR B 39 -11.76 -7.71 1.28
CA TYR B 39 -10.50 -7.50 0.51
C TYR B 39 -10.56 -8.06 -0.92
N ALA B 40 -11.68 -8.72 -1.26
CA ALA B 40 -11.91 -9.17 -2.60
C ALA B 40 -11.85 -7.97 -3.53
N PRO B 41 -11.43 -8.21 -4.76
CA PRO B 41 -11.43 -7.16 -5.78
C PRO B 41 -12.82 -6.91 -6.34
N SER B 42 -13.02 -5.75 -6.92
CA SER B 42 -14.25 -5.36 -7.58
C SER B 42 -13.88 -4.30 -8.61
N GLY B 43 -14.67 -4.20 -9.68
CA GLY B 43 -14.40 -3.23 -10.76
C GLY B 43 -14.36 -1.83 -10.18
N ASN B 44 -13.22 -1.14 -10.37
CA ASN B 44 -13.03 0.23 -9.87
C ASN B 44 -13.19 0.37 -8.36
N ASN B 45 -13.03 -0.75 -7.64
CA ASN B 45 -13.19 -0.79 -6.20
C ASN B 45 -14.54 -0.25 -5.75
N PHE B 46 -15.60 -0.53 -6.52
CA PHE B 46 -16.90 -0.08 -6.11
C PHE B 46 -17.50 -0.88 -4.94
N GLN B 47 -17.02 -2.11 -4.70
CA GLN B 47 -17.45 -2.83 -3.51
C GLN B 47 -18.98 -2.82 -3.35
N PRO B 48 -19.69 -3.33 -4.38
CA PRO B 48 -21.14 -3.22 -4.39
C PRO B 48 -21.88 -4.21 -3.49
N TRP B 49 -21.13 -5.01 -2.73
CA TRP B 49 -21.75 -5.98 -1.83
C TRP B 49 -22.45 -5.40 -0.65
N ARG B 50 -23.56 -6.02 -0.27
CA ARG B 50 -24.30 -5.67 0.94
C ARG B 50 -24.65 -6.99 1.58
N VAL B 51 -24.52 -7.05 2.88
CA VAL B 51 -24.70 -8.31 3.58
C VAL B 51 -25.64 -8.15 4.75
N VAL B 52 -26.53 -9.11 4.90
CA VAL B 52 -27.37 -9.20 6.09
C VAL B 52 -27.13 -10.59 6.67
N VAL B 53 -26.70 -10.64 7.91
CA VAL B 53 -26.41 -11.92 8.57
C VAL B 53 -27.53 -12.22 9.53
N VAL B 54 -28.23 -13.36 9.34
CA VAL B 54 -29.36 -13.72 10.20
C VAL B 54 -28.89 -14.78 11.17
N LYS B 55 -28.95 -14.46 12.46
CA LYS B 55 -28.45 -15.34 13.51
C LYS B 55 -29.52 -15.43 14.57
N ASN B 56 -30.53 -16.23 14.30
CA ASN B 56 -31.75 -16.32 15.16
C ASN B 56 -32.47 -17.52 14.60
N LYS B 57 -32.56 -18.58 15.40
CA LYS B 57 -33.06 -19.85 14.91
C LYS B 57 -34.51 -19.82 14.40
N ASN B 58 -35.39 -19.18 15.16
N ASN B 58 -35.34 -18.99 15.02
CA ASN B 58 -36.79 -19.00 14.73
CA ASN B 58 -36.70 -18.79 14.52
C ASN B 58 -36.87 -18.44 13.31
C ASN B 58 -36.74 -18.05 13.18
N LYS B 59 -36.16 -17.33 13.11
N LYS B 59 -35.87 -17.06 12.96
CA LYS B 59 -36.10 -16.68 11.78
CA LYS B 59 -35.84 -16.43 11.64
C LYS B 59 -35.42 -17.55 10.70
C LYS B 59 -35.29 -17.43 10.62
N GLN B 60 -34.39 -18.30 11.06
CA GLN B 60 -33.77 -19.24 10.12
C GLN B 60 -34.76 -20.34 9.72
N GLU B 61 -35.63 -20.72 10.64
CA GLU B 61 -36.69 -21.68 10.33
C GLU B 61 -37.65 -21.11 9.29
N ASP B 62 -38.00 -19.83 9.43
CA ASP B 62 -38.78 -19.11 8.40
C ASP B 62 -38.06 -19.10 7.07
N LEU B 63 -36.76 -18.83 7.08
CA LEU B 63 -35.97 -18.82 5.87
C LEU B 63 -35.85 -20.22 5.23
N LYS B 64 -35.84 -21.26 6.05
CA LYS B 64 -35.79 -22.63 5.53
C LYS B 64 -37.04 -22.93 4.69
N LYS B 65 -38.19 -22.44 5.16
CA LYS B 65 -39.47 -22.57 4.45
C LYS B 65 -39.44 -21.90 3.08
N LEU B 66 -38.63 -20.84 2.95
CA LEU B 66 -38.41 -20.11 1.71
C LEU B 66 -37.23 -20.65 0.90
N ALA B 67 -36.60 -21.71 1.40
CA ALA B 67 -35.43 -22.29 0.74
C ALA B 67 -35.65 -23.79 0.44
N ALA B 68 -36.86 -24.15 0.01
CA ALA B 68 -37.13 -25.52 -0.40
C ALA B 68 -36.88 -26.52 0.75
N LEU B 69 -37.00 -26.00 1.98
CA LEU B 69 -36.84 -26.80 3.21
C LEU B 69 -35.48 -27.46 3.33
N GLN B 70 -34.47 -26.81 2.78
CA GLN B 70 -33.11 -27.33 2.88
C GLN B 70 -32.65 -27.17 4.34
N PRO B 71 -32.25 -28.25 4.98
CA PRO B 71 -32.07 -28.21 6.41
C PRO B 71 -30.99 -27.33 6.91
N GLN B 72 -29.94 -27.18 6.12
CA GLN B 72 -28.78 -26.43 6.55
C GLN B 72 -29.08 -24.96 6.90
N VAL B 73 -30.17 -24.44 6.36
CA VAL B 73 -30.57 -23.07 6.58
C VAL B 73 -30.92 -22.88 8.05
N ALA B 74 -31.52 -23.90 8.66
CA ALA B 74 -31.96 -23.81 10.05
C ALA B 74 -30.94 -24.30 11.10
N THR B 75 -30.02 -25.16 10.69
CA THR B 75 -29.03 -25.72 11.61
C THR B 75 -27.78 -24.84 11.67
N ALA B 76 -27.56 -24.03 10.63
CA ALA B 76 -26.40 -23.17 10.54
C ALA B 76 -26.28 -22.19 11.73
N SER B 77 -25.07 -21.82 12.13
CA SER B 77 -24.82 -20.85 13.17
C SER B 77 -25.27 -19.45 12.75
N ALA B 78 -25.22 -19.18 11.45
CA ALA B 78 -25.68 -17.87 10.93
C ALA B 78 -25.86 -18.04 9.43
N VAL B 79 -26.81 -17.33 8.86
CA VAL B 79 -27.09 -17.38 7.45
C VAL B 79 -26.71 -16.03 6.88
N PHE B 80 -25.67 -16.00 6.05
CA PHE B 80 -25.23 -14.79 5.41
C PHE B 80 -26.01 -14.61 4.10
N LEU B 81 -26.70 -13.49 3.95
CA LEU B 81 -27.40 -13.17 2.73
C LEU B 81 -26.61 -12.11 2.02
N LEU B 82 -26.11 -12.41 0.80
CA LEU B 82 -25.25 -11.51 0.02
C LEU B 82 -26.09 -10.88 -1.10
N PHE B 83 -26.13 -9.56 -1.11
CA PHE B 83 -26.83 -8.76 -2.12
C PHE B 83 -25.82 -7.89 -2.85
N GLY B 84 -26.20 -7.46 -4.05
CA GLY B 84 -25.51 -6.43 -4.78
C GLY B 84 -26.39 -5.20 -4.85
N ASP B 85 -25.81 -4.02 -4.60
CA ASP B 85 -26.57 -2.78 -4.63
C ASP B 85 -26.34 -2.03 -5.95
N GLU B 86 -27.30 -1.90 -6.83
N GLU B 86 -27.44 -1.87 -6.67
CA GLU B 86 -27.02 -1.17 -8.10
CA GLU B 86 -27.55 -1.22 -7.97
C GLU B 86 -26.59 0.25 -7.79
C GLU B 86 -27.16 0.25 -7.92
N ASN B 87 -27.14 0.83 -6.72
CA ASN B 87 -26.79 2.21 -6.44
C ASN B 87 -25.33 2.36 -5.96
N ALA B 88 -24.62 1.26 -5.78
CA ALA B 88 -23.23 1.32 -5.39
C ALA B 88 -22.36 1.94 -6.48
N TYR B 89 -22.79 1.86 -7.74
CA TYR B 89 -21.97 2.36 -8.85
C TYR B 89 -22.22 3.86 -9.01
N ASP B 90 -21.97 4.59 -7.93
CA ASP B 90 -22.19 6.02 -7.75
C ASP B 90 -20.85 6.75 -7.89
N LEU B 91 -20.71 7.60 -8.91
CA LEU B 91 -19.40 8.23 -9.13
C LEU B 91 -19.06 9.37 -8.15
N THR B 92 -20.05 9.91 -7.45
CA THR B 92 -19.76 10.91 -6.41
C THR B 92 -19.15 10.24 -5.20
N TRP B 93 -19.77 9.15 -4.77
CA TRP B 93 -19.18 8.34 -3.72
C TRP B 93 -17.75 7.91 -4.11
N TRP B 94 -17.58 7.45 -5.33
CA TRP B 94 -16.28 6.93 -5.75
C TRP B 94 -15.17 7.96 -5.61
N GLN B 95 -15.47 9.18 -6.02
CA GLN B 95 -14.48 10.24 -5.94
C GLN B 95 -14.19 10.60 -4.48
N GLU B 96 -15.25 10.78 -3.72
CA GLU B 96 -15.14 11.15 -2.29
C GLU B 96 -14.31 10.14 -1.51
N PHE B 97 -14.65 8.87 -1.69
CA PHE B 97 -14.00 7.77 -0.99
C PHE B 97 -12.54 7.72 -1.30
N HIS B 98 -12.21 7.69 -2.60
CA HIS B 98 -10.82 7.55 -3.00
C HIS B 98 -9.92 8.75 -2.68
N VAL B 99 -10.50 9.95 -2.73
CA VAL B 99 -9.79 11.16 -2.35
C VAL B 99 -9.60 11.20 -0.81
N GLN B 100 -10.66 10.94 -0.06
CA GLN B 100 -10.58 10.89 1.41
C GLN B 100 -9.56 9.87 1.94
N LYS B 101 -9.41 8.75 1.25
CA LYS B 101 -8.48 7.71 1.67
C LYS B 101 -7.05 7.98 1.20
N GLY B 102 -6.85 9.13 0.53
CA GLY B 102 -5.53 9.53 0.07
C GLY B 102 -4.98 8.72 -1.08
N ILE B 103 -5.86 8.08 -1.85
CA ILE B 103 -5.43 7.26 -2.98
C ILE B 103 -5.16 8.09 -4.23
N ILE B 104 -5.97 9.13 -4.44
CA ILE B 104 -5.84 10.00 -5.63
C ILE B 104 -6.29 11.40 -5.28
N THR B 105 -5.86 12.36 -6.08
CA THR B 105 -6.25 13.74 -5.85
C THR B 105 -7.66 14.00 -6.37
N LYS B 106 -8.21 15.15 -5.96
CA LYS B 106 -9.53 15.59 -6.43
C LYS B 106 -9.56 15.73 -7.96
N ASP B 107 -8.52 16.33 -8.54
CA ASP B 107 -8.43 16.44 -9.99
C ASP B 107 -8.36 15.08 -10.69
N GLU B 108 -7.52 14.20 -10.17
CA GLU B 108 -7.35 12.87 -10.79
C GLU B 108 -8.67 12.10 -10.69
N ALA B 109 -9.36 12.26 -9.56
CA ALA B 109 -10.62 11.56 -9.30
C ALA B 109 -11.71 12.04 -10.26
N ALA B 110 -11.74 13.34 -10.54
CA ALA B 110 -12.77 13.87 -11.45
C ALA B 110 -12.59 13.34 -12.87
N ALA B 111 -11.33 13.25 -13.30
CA ALA B 111 -11.01 12.78 -14.64
C ALA B 111 -11.32 11.29 -14.79
N ARG B 112 -10.97 10.53 -13.77
CA ARG B 112 -11.19 9.10 -13.78
C ARG B 112 -12.69 8.83 -13.79
N ALA B 113 -13.44 9.63 -13.06
CA ALA B 113 -14.88 9.44 -12.98
C ALA B 113 -15.56 9.61 -14.35
N GLU B 114 -15.10 10.56 -15.14
CA GLU B 114 -15.68 10.70 -16.47
C GLU B 114 -15.36 9.47 -17.37
N ARG B 115 -14.19 8.91 -17.22
CA ARG B 115 -13.84 7.72 -17.99
C ARG B 115 -14.71 6.52 -17.57
N ILE B 116 -14.94 6.36 -16.27
CA ILE B 116 -15.80 5.32 -15.76
C ILE B 116 -17.24 5.51 -16.28
N ARG B 117 -17.73 6.75 -16.30
CA ARG B 117 -19.07 7.01 -16.84
C ARG B 117 -19.17 6.59 -18.29
N GLN B 118 -18.13 6.94 -19.07
CA GLN B 118 -18.12 6.61 -20.47
C GLN B 118 -18.08 5.12 -20.67
N TYR B 119 -17.34 4.42 -19.82
CA TYR B 119 -17.33 2.95 -19.87
C TYR B 119 -18.71 2.36 -19.61
N PHE B 120 -19.35 2.78 -18.52
CA PHE B 120 -20.71 2.29 -18.23
C PHE B 120 -21.73 2.68 -19.29
N ASP B 121 -21.56 3.83 -19.89
CA ASP B 121 -22.43 4.23 -21.01
C ASP B 121 -22.42 3.16 -22.14
N LEU B 122 -21.24 2.61 -22.45
CA LEU B 122 -21.07 1.56 -23.46
C LEU B 122 -21.37 0.16 -22.97
N HIS B 123 -21.18 -0.05 -21.67
CA HIS B 123 -21.28 -1.36 -21.08
C HIS B 123 -22.19 -1.27 -19.88
N PRO B 124 -23.48 -0.97 -20.12
CA PRO B 124 -24.41 -0.74 -19.01
C PRO B 124 -24.57 -1.93 -18.11
N GLU B 125 -24.37 -3.14 -18.65
CA GLU B 125 -24.52 -4.36 -17.86
C GLU B 125 -23.54 -4.44 -16.69
N ASP B 126 -22.40 -3.78 -16.81
CA ASP B 126 -21.44 -3.81 -15.73
C ASP B 126 -21.82 -2.94 -14.52
N LYS B 127 -22.85 -2.14 -14.65
CA LYS B 127 -23.40 -1.49 -13.48
C LYS B 127 -24.80 -1.99 -13.14
N GLU B 128 -25.16 -3.15 -13.66
CA GLU B 128 -26.46 -3.75 -13.45
C GLU B 128 -26.19 -5.16 -12.92
N THR B 129 -27.16 -6.05 -13.01
CA THR B 129 -27.00 -7.36 -12.41
C THR B 129 -25.76 -8.15 -12.86
N GLN B 130 -25.37 -8.03 -14.13
N GLN B 130 -25.35 -8.07 -14.13
CA GLN B 130 -24.21 -8.78 -14.60
CA GLN B 130 -24.17 -8.85 -14.52
C GLN B 130 -22.93 -8.34 -13.86
C GLN B 130 -22.94 -8.35 -13.73
N GLY B 131 -22.80 -7.04 -13.63
CA GLY B 131 -21.67 -6.50 -12.89
C GLY B 131 -21.72 -6.95 -11.43
N LEU B 132 -22.91 -6.91 -10.86
CA LEU B 132 -23.09 -7.21 -9.45
C LEU B 132 -22.79 -8.68 -9.19
N ARG B 133 -23.23 -9.53 -10.10
CA ARG B 133 -23.02 -10.96 -9.93
C ARG B 133 -21.53 -11.28 -9.91
N LEU B 134 -20.74 -10.64 -10.79
CA LEU B 134 -19.29 -10.87 -10.78
C LEU B 134 -18.63 -10.29 -9.53
N ASP B 135 -18.93 -9.06 -9.20
CA ASP B 135 -18.31 -8.43 -8.05
C ASP B 135 -18.65 -9.13 -6.76
N VAL B 136 -19.92 -9.43 -6.54
CA VAL B 136 -20.35 -10.12 -5.33
C VAL B 136 -19.92 -11.60 -5.32
N GLY B 137 -19.76 -12.20 -6.49
CA GLY B 137 -19.23 -13.56 -6.59
C GLY B 137 -17.79 -13.58 -6.10
N LEU B 138 -16.99 -12.60 -6.50
CA LEU B 138 -15.62 -12.53 -6.00
C LEU B 138 -15.60 -12.46 -4.48
N PHE B 139 -16.40 -11.55 -3.92
CA PHE B 139 -16.58 -11.44 -2.47
C PHE B 139 -16.99 -12.75 -1.80
N ALA B 140 -17.96 -13.40 -2.41
CA ALA B 140 -18.51 -14.64 -1.85
C ALA B 140 -17.46 -15.72 -1.77
N MSE B 141 -16.68 -15.88 -2.84
CA MSE B 141 -15.66 -16.94 -2.83
C MSE B 141 -14.67 -16.61 -1.74
O MSE B 141 -14.18 -17.49 -1.05
CB MSE B 141 -15.00 -16.99 -4.22
CG MSE B 141 -13.86 -18.00 -4.35
SE MSE B 141 -14.57 -19.79 -4.57
CE MSE B 141 -14.56 -20.34 -2.87
N ASN B 142 -14.29 -15.35 -1.61
CA ASN B 142 -13.36 -14.97 -0.54
C ASN B 142 -13.90 -15.29 0.85
N LEU B 143 -15.16 -14.92 1.07
CA LEU B 143 -15.83 -15.20 2.32
C LEU B 143 -15.82 -16.70 2.60
N MSE B 144 -16.08 -17.54 1.60
CA MSE B 144 -16.10 -19.00 1.83
C MSE B 144 -14.74 -19.54 2.29
O MSE B 144 -14.70 -20.49 3.07
CB MSE B 144 -16.56 -19.73 0.56
CG MSE B 144 -18.03 -19.63 0.37
SE MSE B 144 -18.73 -20.68 -1.16
CE MSE B 144 -18.91 -19.22 -2.44
N GLN B 145 -13.64 -18.97 1.80
CA GLN B 145 -12.33 -19.39 2.32
C GLN B 145 -12.07 -18.80 3.71
N VAL B 146 -12.44 -17.54 3.91
CA VAL B 146 -12.17 -16.88 5.19
C VAL B 146 -12.90 -17.56 6.37
N VAL B 147 -14.14 -17.99 6.18
CA VAL B 147 -14.86 -18.58 7.30
C VAL B 147 -14.18 -19.86 7.81
N ARG B 148 -13.55 -20.57 6.90
CA ARG B 148 -12.77 -21.76 7.22
C ARG B 148 -11.54 -21.54 8.07
N VAL B 149 -10.89 -20.39 7.98
CA VAL B 149 -9.77 -20.06 8.83
C VAL B 149 -10.17 -20.21 10.30
N TYR B 150 -11.43 -19.85 10.58
CA TYR B 150 -11.95 -19.88 11.95
C TYR B 150 -12.58 -21.20 12.38
N GLY B 151 -12.59 -22.22 11.52
CA GLY B 151 -13.11 -23.53 11.90
C GLY B 151 -14.51 -23.81 11.43
N TYR B 152 -15.09 -22.84 10.70
CA TYR B 152 -16.46 -22.98 10.18
C TYR B 152 -16.47 -23.43 8.72
N ASP B 153 -17.62 -23.79 8.23
CA ASP B 153 -17.80 -24.21 6.85
C ASP B 153 -19.10 -23.60 6.32
N SER B 154 -19.36 -23.77 5.04
CA SER B 154 -20.51 -23.14 4.41
C SER B 154 -20.98 -23.96 3.24
N VAL B 155 -22.12 -23.53 2.72
CA VAL B 155 -22.64 -24.00 1.45
C VAL B 155 -23.29 -22.82 0.70
N PRO B 156 -22.82 -22.52 -0.52
CA PRO B 156 -23.44 -21.44 -1.29
C PRO B 156 -24.78 -21.89 -1.85
N MSE B 157 -25.76 -20.99 -1.88
CA MSE B 157 -27.10 -21.35 -2.32
C MSE B 157 -27.85 -20.30 -3.12
O MSE B 157 -27.71 -19.14 -2.84
CB MSE B 157 -27.94 -21.67 -1.08
CG MSE B 157 -27.41 -22.77 -0.25
SE MSE B 157 -28.50 -22.98 1.34
CE MSE B 157 -30.18 -23.56 0.50
N ARG B 158 -28.59 -20.76 -4.13
CA ARG B 158 -29.57 -19.99 -4.90
C ARG B 158 -30.93 -20.71 -5.10
N GLY B 159 -31.04 -21.99 -4.74
CA GLY B 159 -32.33 -22.72 -4.89
C GLY B 159 -33.29 -22.31 -3.80
N VAL B 160 -33.63 -21.02 -3.79
CA VAL B 160 -34.43 -20.46 -2.72
C VAL B 160 -35.35 -19.41 -3.35
N ASP B 161 -36.38 -18.98 -2.62
CA ASP B 161 -37.32 -17.97 -3.12
C ASP B 161 -36.84 -16.58 -2.65
N PHE B 162 -35.92 -16.01 -3.40
CA PHE B 162 -35.30 -14.76 -2.98
C PHE B 162 -36.35 -13.62 -2.93
N ASP B 163 -37.38 -13.68 -3.77
CA ASP B 163 -38.42 -12.65 -3.72
C ASP B 163 -39.12 -12.69 -2.38
N ALA B 164 -39.46 -13.89 -1.91
CA ALA B 164 -40.13 -14.04 -0.61
C ALA B 164 -39.19 -13.67 0.54
N ILE B 165 -37.89 -13.96 0.37
CA ILE B 165 -36.91 -13.66 1.41
C ILE B 165 -36.76 -12.15 1.63
N LYS B 166 -36.68 -11.41 0.54
CA LYS B 166 -36.61 -9.95 0.61
C LYS B 166 -37.84 -9.37 1.31
N THR B 167 -39.01 -9.86 0.94
CA THR B 167 -40.24 -9.41 1.58
C THR B 167 -40.24 -9.75 3.07
N TYR B 168 -39.80 -10.96 3.42
CA TYR B 168 -39.73 -11.38 4.81
C TYR B 168 -38.81 -10.48 5.64
N LEU B 169 -37.67 -10.09 5.07
CA LEU B 169 -36.66 -9.28 5.76
C LEU B 169 -36.75 -7.78 5.47
N ASP B 170 -37.78 -7.39 4.72
CA ASP B 170 -37.99 -5.98 4.41
C ASP B 170 -36.70 -5.37 3.87
N MSE B 171 -36.20 -5.98 2.79
CA MSE B 171 -34.99 -5.54 2.11
C MSE B 171 -35.29 -4.47 1.06
O MSE B 171 -36.33 -4.53 0.42
CB MSE B 171 -34.37 -6.73 1.37
CG MSE B 171 -34.06 -7.90 2.25
SE MSE B 171 -32.46 -7.56 3.27
CE MSE B 171 -33.07 -6.31 4.77
N PRO B 172 -34.34 -3.53 0.83
CA PRO B 172 -34.53 -2.57 -0.25
C PRO B 172 -34.74 -3.25 -1.62
N ASN B 173 -35.63 -2.68 -2.43
CA ASN B 173 -35.90 -3.21 -3.78
C ASN B 173 -34.68 -3.10 -4.73
N GLY B 174 -33.76 -2.19 -4.46
CA GLY B 174 -32.57 -2.01 -5.31
C GLY B 174 -31.41 -2.95 -5.00
N TRP B 175 -31.63 -3.79 -3.99
CA TRP B 175 -30.64 -4.79 -3.60
C TRP B 175 -31.04 -6.06 -4.30
N GLU B 176 -30.15 -6.54 -5.15
CA GLU B 176 -30.33 -7.74 -5.91
C GLU B 176 -29.75 -8.90 -5.11
N PRO B 177 -30.54 -9.94 -4.88
CA PRO B 177 -30.04 -11.10 -4.11
C PRO B 177 -29.04 -11.86 -4.94
N ILE B 178 -27.89 -12.20 -4.39
CA ILE B 178 -26.85 -12.89 -5.15
C ILE B 178 -26.74 -14.33 -4.61
N LEU B 179 -26.58 -14.47 -3.29
CA LEU B 179 -26.32 -15.77 -2.72
C LEU B 179 -26.74 -15.83 -1.25
N MSE B 180 -27.24 -17.00 -0.84
CA MSE B 180 -27.52 -17.29 0.56
C MSE B 180 -26.40 -18.23 0.99
O MSE B 180 -26.18 -19.24 0.34
CB MSE B 180 -28.85 -17.98 0.79
CG MSE B 180 -29.02 -18.53 2.24
SE MSE B 180 -30.71 -19.57 2.40
CE MSE B 180 -31.70 -18.12 2.40
N LEU B 181 -25.71 -17.88 2.06
CA LEU B 181 -24.55 -18.67 2.53
C LEU B 181 -24.72 -19.02 4.03
N PRO B 182 -25.34 -20.18 4.32
CA PRO B 182 -25.33 -20.73 5.68
C PRO B 182 -23.91 -21.08 6.10
N VAL B 183 -23.54 -20.66 7.30
CA VAL B 183 -22.20 -20.85 7.86
C VAL B 183 -22.33 -21.53 9.22
N GLY B 184 -21.53 -22.54 9.46
CA GLY B 184 -21.60 -23.26 10.72
C GLY B 184 -20.49 -24.27 10.92
N LYS B 185 -20.59 -24.98 12.03
CA LYS B 185 -19.67 -26.05 12.38
C LYS B 185 -20.14 -27.32 11.70
N ALA B 186 -19.32 -27.89 10.84
CA ALA B 186 -19.64 -29.14 10.17
C ALA B 186 -19.81 -30.33 11.13
N LEU B 187 -20.90 -31.06 10.98
CA LEU B 187 -21.09 -32.36 11.64
C LEU B 187 -20.68 -33.45 10.69
N GLN B 188 -20.57 -33.13 9.40
CA GLN B 188 -20.11 -34.12 8.43
C GLN B 188 -19.35 -33.37 7.39
N ALA B 189 -18.19 -33.90 7.05
CA ALA B 189 -17.36 -33.34 6.03
C ALA B 189 -18.06 -33.38 4.67
N GLY B 190 -17.73 -32.42 3.82
CA GLY B 190 -18.25 -32.36 2.48
C GLY B 190 -17.59 -33.44 1.66
N ASN B 191 -18.16 -33.72 0.50
CA ASN B 191 -17.62 -34.76 -0.38
C ASN B 191 -16.44 -34.29 -1.21
N PRO B 192 -15.57 -35.23 -1.65
CA PRO B 192 -14.45 -34.86 -2.48
C PRO B 192 -14.86 -34.15 -3.76
N HIS B 193 -13.95 -33.32 -4.27
CA HIS B 193 -14.26 -32.57 -5.48
C HIS B 193 -14.25 -33.48 -6.69
N VAL B 194 -15.33 -33.43 -7.47
CA VAL B 194 -15.35 -34.09 -8.79
C VAL B 194 -15.53 -32.99 -9.83
N ARG B 195 -14.59 -32.88 -10.77
CA ARG B 195 -14.59 -31.75 -11.73
C ARG B 195 -14.12 -32.24 -13.08
N LYS B 196 -14.51 -31.50 -14.11
CA LYS B 196 -13.98 -31.71 -15.44
C LYS B 196 -12.51 -31.38 -15.42
N SER B 197 -11.72 -32.08 -16.23
CA SER B 197 -10.28 -31.87 -16.27
C SER B 197 -9.90 -30.56 -16.90
N VAL B 198 -8.67 -30.14 -16.64
CA VAL B 198 -8.16 -28.90 -17.22
C VAL B 198 -8.19 -28.99 -18.73
N ALA B 199 -7.83 -30.15 -19.28
CA ALA B 199 -7.82 -30.29 -20.74
C ALA B 199 -9.23 -30.14 -21.36
N GLU B 200 -10.26 -30.36 -20.57
CA GLU B 200 -11.62 -30.21 -21.04
C GLU B 200 -12.14 -28.77 -21.03
N PHE B 201 -11.60 -27.89 -20.19
CA PHE B 201 -12.10 -26.51 -20.15
C PHE B 201 -11.11 -25.43 -20.47
N ALA B 202 -9.81 -25.77 -20.61
CA ALA B 202 -8.75 -24.77 -20.78
C ALA B 202 -7.90 -25.09 -21.98
N GLU B 203 -7.42 -24.02 -22.62
CA GLU B 203 -6.49 -24.11 -23.75
C GLU B 203 -5.30 -23.24 -23.39
N ILE B 204 -4.08 -23.74 -23.57
CA ILE B 204 -2.92 -22.93 -23.38
C ILE B 204 -2.31 -22.71 -24.76
N ILE B 205 -2.12 -21.44 -25.12
CA ILE B 205 -1.54 -21.07 -26.43
C ILE B 205 -0.16 -20.44 -26.27
N GLU B 206 0.85 -21.07 -26.84
CA GLU B 206 2.19 -20.48 -26.93
C GLU B 206 2.58 -20.24 -28.39
N GLY C 1 3.44 15.83 -16.48
CA GLY C 1 4.82 15.84 -17.03
C GLY C 1 5.90 15.64 -15.97
N MSE C 2 7.06 16.25 -16.19
N MSE C 2 7.08 16.22 -16.25
CA MSE C 2 8.21 16.05 -15.31
CA MSE C 2 8.23 16.22 -15.34
C MSE C 2 7.94 16.52 -13.87
C MSE C 2 7.82 16.47 -13.90
O MSE C 2 8.33 15.85 -12.93
O MSE C 2 8.01 15.64 -13.02
CB MSE C 2 9.43 16.74 -15.92
CB MSE C 2 9.19 17.39 -15.69
CG MSE C 2 10.79 16.29 -15.35
CG MSE C 2 10.46 17.06 -16.43
SE MSE C 2 12.21 16.30 -16.72
SE MSE C 2 11.86 18.34 -15.85
CE MSE C 2 11.65 14.69 -17.74
CE MSE C 2 10.82 19.99 -16.01
N MSE C 3 7.24 17.64 -13.71
CA MSE C 3 6.91 18.15 -12.38
C MSE C 3 6.08 17.14 -11.59
O MSE C 3 6.43 16.74 -10.45
CB MSE C 3 6.18 19.50 -12.56
CG MSE C 3 6.33 20.44 -11.43
SE MSE C 3 6.09 22.33 -11.98
CE MSE C 3 7.76 22.57 -13.12
N ASN C 4 5.01 16.67 -12.21
N ASN C 4 4.99 16.69 -12.21
CA ASN C 4 4.15 15.73 -11.53
CA ASN C 4 4.12 15.70 -11.61
C ASN C 4 4.87 14.40 -11.28
C ASN C 4 4.87 14.42 -11.28
N ASP C 5 5.72 13.98 -12.22
CA ASP C 5 6.49 12.73 -12.04
C ASP C 5 7.42 12.86 -10.84
N TYR C 6 8.09 14.00 -10.71
N TYR C 6 8.09 14.00 -10.71
CA TYR C 6 9.01 14.21 -9.60
CA TYR C 6 9.03 14.15 -9.61
C TYR C 6 8.23 14.22 -8.30
C TYR C 6 8.27 14.26 -8.29
N LEU C 7 7.13 14.94 -8.27
CA LEU C 7 6.30 14.99 -7.05
C LEU C 7 5.77 13.63 -6.66
N ASN C 8 5.27 12.88 -7.64
CA ASN C 8 4.82 11.50 -7.37
C ASN C 8 5.96 10.65 -6.80
N PHE C 9 7.18 10.82 -7.33
CA PHE C 9 8.32 10.07 -6.84
C PHE C 9 8.61 10.40 -5.38
N LEU C 10 8.71 11.68 -5.08
CA LEU C 10 8.96 12.10 -3.70
C LEU C 10 7.88 11.61 -2.75
N ASP C 11 6.63 11.71 -3.17
CA ASP C 11 5.47 11.30 -2.36
C ASP C 11 5.46 9.79 -2.10
N GLY C 12 6.13 9.04 -2.97
CA GLY C 12 6.14 7.58 -2.86
C GLY C 12 6.97 7.04 -1.74
N ARG C 13 7.82 7.87 -1.14
CA ARG C 13 8.59 7.43 0.03
C ARG C 13 7.56 7.23 1.15
N VAL C 14 7.30 5.97 1.55
N VAL C 14 7.57 6.03 1.72
CA VAL C 14 6.48 5.62 2.72
CA VAL C 14 6.66 5.63 2.75
C VAL C 14 7.22 4.52 3.52
C VAL C 14 7.37 4.60 3.60
N SER C 15 6.80 4.29 4.76
CA SER C 15 7.37 3.24 5.58
C SER C 15 6.87 1.91 5.07
N VAL C 16 7.80 1.02 4.74
CA VAL C 16 7.50 -0.34 4.34
C VAL C 16 8.10 -1.25 5.43
N ARG C 17 7.28 -2.14 5.97
CA ARG C 17 7.73 -3.04 7.05
C ARG C 17 7.67 -4.53 6.67
N ARG C 18 7.14 -4.82 5.47
CA ARG C 18 7.09 -6.17 4.97
C ARG C 18 8.01 -6.27 3.76
N PHE C 19 9.15 -6.91 3.95
CA PHE C 19 10.17 -7.03 2.94
C PHE C 19 10.31 -8.47 2.50
N ASP C 20 10.90 -8.64 1.33
CA ASP C 20 11.13 -9.96 0.73
C ASP C 20 12.44 -10.50 1.30
N PRO C 21 12.36 -11.58 2.10
CA PRO C 21 13.56 -12.05 2.75
C PRO C 21 14.56 -12.70 1.77
N ASP C 22 14.16 -12.90 0.53
CA ASP C 22 15.01 -13.54 -0.46
C ASP C 22 15.64 -12.54 -1.44
N ALA C 23 15.21 -11.27 -1.40
CA ALA C 23 15.74 -10.23 -2.29
C ALA C 23 17.16 -9.84 -1.91
N VAL C 24 18.06 -9.80 -2.88
CA VAL C 24 19.44 -9.43 -2.64
C VAL C 24 19.70 -8.02 -3.13
N LEU C 25 20.27 -7.19 -2.26
CA LEU C 25 20.68 -5.81 -2.59
C LEU C 25 22.19 -5.85 -2.87
N PRO C 26 22.60 -5.69 -4.15
CA PRO C 26 24.03 -5.77 -4.44
C PRO C 26 24.86 -4.68 -3.77
N ASN C 27 26.10 -5.03 -3.44
N ASN C 27 26.09 -5.03 -3.38
CA ASN C 27 26.99 -4.08 -2.78
CA ASN C 27 26.97 -4.06 -2.73
C ASN C 27 27.33 -2.86 -3.62
C ASN C 27 27.26 -2.84 -3.60
N ASP C 28 27.40 -3.00 -4.93
N ASP C 28 27.40 -3.04 -4.90
CA ASP C 28 27.67 -1.80 -5.71
CA ASP C 28 27.61 -1.89 -5.77
C ASP C 28 26.49 -0.81 -5.63
C ASP C 28 26.51 -0.85 -5.60
N LEU C 29 25.27 -1.32 -5.49
CA LEU C 29 24.13 -0.43 -5.29
C LEU C 29 24.15 0.17 -3.92
N ILE C 30 24.54 -0.58 -2.89
CA ILE C 30 24.68 -0.01 -1.56
C ILE C 30 25.62 1.20 -1.60
N LYS C 31 26.73 1.06 -2.32
CA LYS C 31 27.73 2.13 -2.39
C LYS C 31 27.18 3.32 -3.17
N ASP C 32 26.48 3.05 -4.27
CA ASP C 32 25.84 4.12 -5.04
C ASP C 32 24.83 4.85 -4.18
N MSE C 33 24.01 4.11 -3.44
CA MSE C 33 22.98 4.75 -2.60
C MSE C 33 23.63 5.68 -1.59
O MSE C 33 23.21 6.78 -1.38
CB MSE C 33 22.21 3.68 -1.85
CG MSE C 33 21.18 2.93 -2.68
SE MSE C 33 20.59 1.28 -1.73
CE MSE C 33 19.19 0.63 -3.06
N LEU C 34 24.70 5.23 -0.96
CA LEU C 34 25.41 6.04 0.03
C LEU C 34 26.15 7.25 -0.59
N GLU C 35 26.68 7.08 -1.79
CA GLU C 35 27.31 8.19 -2.50
C GLU C 35 26.29 9.29 -2.77
N HIS C 36 25.14 8.91 -3.33
CA HIS C 36 24.10 9.90 -3.64
C HIS C 36 23.52 10.52 -2.38
N ALA C 37 23.32 9.71 -1.34
CA ALA C 37 22.83 10.23 -0.06
C ALA C 37 23.78 11.25 0.51
N SER C 38 25.07 11.05 0.31
CA SER C 38 26.08 11.97 0.84
C SER C 38 26.02 13.38 0.30
N TYR C 39 25.27 13.58 -0.78
CA TYR C 39 25.06 14.91 -1.36
C TYR C 39 24.15 15.81 -0.55
N ALA C 40 23.54 15.24 0.49
CA ALA C 40 22.82 16.00 1.48
C ALA C 40 23.68 17.17 2.00
N PRO C 41 23.04 18.25 2.37
CA PRO C 41 23.69 19.38 2.97
C PRO C 41 23.94 19.05 4.47
N SER C 42 24.93 19.72 5.02
CA SER C 42 25.23 19.66 6.45
C SER C 42 25.88 21.02 6.80
N GLY C 43 25.79 21.46 8.04
CA GLY C 43 26.38 22.76 8.40
C GLY C 43 27.86 22.75 8.10
N ASN C 44 28.29 23.78 7.37
CA ASN C 44 29.67 23.93 6.94
C ASN C 44 30.25 22.74 6.17
N ASN C 45 29.40 21.91 5.59
CA ASN C 45 29.85 20.73 4.86
C ASN C 45 30.73 19.81 5.74
N PHE C 46 30.43 19.74 7.03
CA PHE C 46 31.12 18.81 7.97
C PHE C 46 30.79 17.34 7.73
N GLN C 47 29.62 17.01 7.16
CA GLN C 47 29.32 15.63 6.80
C GLN C 47 29.59 14.67 7.98
N PRO C 48 28.92 14.91 9.13
CA PRO C 48 29.29 14.16 10.32
C PRO C 48 28.66 12.78 10.37
N TRP C 49 28.08 12.28 9.27
CA TRP C 49 27.48 10.95 9.24
C TRP C 49 28.51 9.81 9.11
N ARG C 50 28.26 8.73 9.84
CA ARG C 50 28.98 7.46 9.70
C ARG C 50 27.93 6.38 9.58
N VAL C 51 28.18 5.39 8.71
CA VAL C 51 27.18 4.38 8.43
C VAL C 51 27.78 3.01 8.52
N VAL C 52 27.05 2.08 9.09
CA VAL C 52 27.43 0.67 9.06
C VAL C 52 26.26 -0.08 8.42
N VAL C 53 26.54 -0.80 7.34
CA VAL C 53 25.49 -1.51 6.64
C VAL C 53 25.67 -2.99 6.95
N VAL C 54 24.67 -3.62 7.55
CA VAL C 54 24.70 -5.04 7.93
C VAL C 54 23.90 -5.80 6.89
N LYS C 55 24.58 -6.65 6.14
CA LYS C 55 23.96 -7.46 5.11
C LYS C 55 24.33 -8.92 5.41
N ASN C 56 23.55 -9.54 6.30
CA ASN C 56 23.87 -10.88 6.85
C ASN C 56 22.65 -11.22 7.68
N LYS C 57 21.87 -12.19 7.24
CA LYS C 57 20.64 -12.50 7.91
C LYS C 57 20.85 -12.98 9.37
N ASN C 58 21.93 -13.70 9.65
CA ASN C 58 22.19 -14.18 11.01
C ASN C 58 22.30 -13.01 11.96
N LYS C 59 23.13 -12.04 11.56
CA LYS C 59 23.29 -10.81 12.33
C LYS C 59 22.01 -9.98 12.40
N GLN C 60 21.23 -9.91 11.32
CA GLN C 60 20.01 -9.15 11.35
C GLN C 60 19.00 -9.80 12.30
N GLU C 61 19.06 -11.12 12.46
CA GLU C 61 18.19 -11.82 13.43
C GLU C 61 18.59 -11.42 14.86
N ASP C 62 19.88 -11.31 15.10
CA ASP C 62 20.36 -10.80 16.37
C ASP C 62 19.88 -9.37 16.58
N LEU C 63 20.00 -8.50 15.56
CA LEU C 63 19.53 -7.15 15.71
C LEU C 63 18.01 -7.08 15.91
N LYS C 64 17.27 -8.00 15.30
CA LYS C 64 15.81 -7.99 15.45
C LYS C 64 15.39 -8.14 16.91
N LYS C 65 16.13 -8.99 17.62
CA LYS C 65 15.93 -9.22 19.05
C LYS C 65 16.19 -7.96 19.86
N LEU C 66 17.04 -7.08 19.35
CA LEU C 66 17.34 -5.80 20.01
C LEU C 66 16.45 -4.67 19.48
N ALA C 67 15.54 -5.02 18.56
CA ALA C 67 14.65 -4.05 17.96
C ALA C 67 13.18 -4.44 18.26
N ALA C 68 12.95 -5.02 19.44
CA ALA C 68 11.61 -5.36 19.88
C ALA C 68 10.90 -6.33 18.96
N LEU C 69 11.67 -7.24 18.38
CA LEU C 69 11.20 -8.26 17.46
C LEU C 69 10.45 -7.69 16.23
N GLN C 70 10.81 -6.48 15.80
CA GLN C 70 10.16 -5.89 14.61
C GLN C 70 10.68 -6.66 13.40
N PRO C 71 9.78 -7.32 12.68
CA PRO C 71 10.21 -8.28 11.70
C PRO C 71 11.03 -7.73 10.53
N GLN C 72 10.83 -6.46 10.19
CA GLN C 72 11.47 -5.86 9.04
C GLN C 72 13.01 -5.88 9.17
N VAL C 73 13.49 -5.92 10.40
CA VAL C 73 14.94 -5.92 10.64
C VAL C 73 15.61 -7.17 10.06
N ALA C 74 14.95 -8.33 10.16
CA ALA C 74 15.47 -9.61 9.72
C ALA C 74 15.12 -9.98 8.28
N THR C 75 14.06 -9.37 7.74
CA THR C 75 13.66 -9.66 6.37
C THR C 75 14.32 -8.74 5.35
N ALA C 76 14.76 -7.56 5.78
CA ALA C 76 15.36 -6.60 4.90
C ALA C 76 16.59 -7.15 4.17
N SER C 77 16.83 -6.65 2.96
CA SER C 77 18.04 -6.98 2.20
C SER C 77 19.30 -6.49 2.89
N ALA C 78 19.23 -5.35 3.57
CA ALA C 78 20.34 -4.81 4.35
C ALA C 78 19.79 -3.87 5.41
N VAL C 79 20.50 -3.72 6.51
CA VAL C 79 20.10 -2.77 7.56
C VAL C 79 21.16 -1.68 7.66
N PHE C 80 20.78 -0.44 7.32
CA PHE C 80 21.69 0.70 7.38
C PHE C 80 21.58 1.30 8.78
N LEU C 81 22.69 1.33 9.50
CA LEU C 81 22.79 1.96 10.80
C LEU C 81 23.46 3.32 10.60
N LEU C 82 22.73 4.38 10.91
CA LEU C 82 23.21 5.71 10.73
C LEU C 82 23.62 6.33 12.07
N PHE C 83 24.85 6.81 12.14
CA PHE C 83 25.42 7.40 13.32
C PHE C 83 25.90 8.83 12.97
N GLY C 84 26.13 9.63 14.01
CA GLY C 84 26.78 10.93 13.91
C GLY C 84 28.03 10.85 14.77
N ASP C 85 29.11 11.43 14.28
CA ASP C 85 30.38 11.43 15.02
C ASP C 85 30.67 12.85 15.48
N GLU C 86 30.65 13.14 16.76
CA GLU C 86 30.93 14.51 17.24
C GLU C 86 32.33 14.96 16.85
N ASN C 87 33.23 14.00 16.74
CA ASN C 87 34.59 14.32 16.38
C ASN C 87 34.72 14.84 14.95
N ALA C 88 33.64 14.76 14.17
CA ALA C 88 33.67 15.24 12.80
C ALA C 88 33.72 16.74 12.68
N TYR C 89 33.31 17.46 13.72
CA TYR C 89 33.25 18.91 13.65
C TYR C 89 34.65 19.40 14.01
N ASP C 90 35.61 19.01 13.17
CA ASP C 90 37.05 19.21 13.38
C ASP C 90 37.53 20.29 12.45
N LEU C 91 37.97 21.42 12.99
CA LEU C 91 38.37 22.55 12.15
C LEU C 91 39.64 22.34 11.35
N THR C 92 40.55 21.53 11.88
CA THR C 92 41.75 21.16 11.14
C THR C 92 41.38 20.39 9.88
N TRP C 93 40.52 19.39 10.03
CA TRP C 93 40.03 18.64 8.86
C TRP C 93 39.34 19.58 7.86
N TRP C 94 38.49 20.46 8.38
CA TRP C 94 37.70 21.32 7.52
C TRP C 94 38.59 22.11 6.56
N GLN C 95 39.68 22.64 7.11
CA GLN C 95 40.64 23.39 6.30
C GLN C 95 41.33 22.47 5.28
N GLU C 96 41.80 21.31 5.73
CA GLU C 96 42.55 20.42 4.86
C GLU C 96 41.70 20.04 3.64
N PHE C 97 40.49 19.57 3.94
CA PHE C 97 39.53 19.09 2.95
C PHE C 97 39.17 20.16 1.93
N HIS C 98 38.79 21.35 2.38
CA HIS C 98 38.27 22.34 1.45
C HIS C 98 39.37 23.02 0.63
N VAL C 99 40.61 22.98 1.09
CA VAL C 99 41.71 23.54 0.30
C VAL C 99 42.16 22.50 -0.74
N GLN C 100 42.41 21.29 -0.24
CA GLN C 100 42.79 20.17 -1.07
C GLN C 100 41.79 19.92 -2.21
N LYS C 101 40.51 20.10 -1.95
CA LYS C 101 39.49 19.91 -2.99
C LYS C 101 39.33 21.14 -3.90
N GLY C 102 40.08 22.22 -3.66
CA GLY C 102 40.02 23.41 -4.51
C GLY C 102 38.79 24.28 -4.29
N ILE C 103 38.25 24.21 -3.08
CA ILE C 103 37.08 24.98 -2.74
C ILE C 103 37.52 26.40 -2.30
N ILE C 104 38.63 26.50 -1.58
CA ILE C 104 39.10 27.75 -0.97
C ILE C 104 40.62 27.73 -0.79
N THR C 105 41.22 28.91 -0.53
CA THR C 105 42.66 29.01 -0.34
C THR C 105 43.15 28.29 0.90
N GLU C 108 42.10 31.93 3.12
CA GLU C 108 40.67 32.03 3.35
C GLU C 108 40.15 30.91 4.28
N ALA C 109 40.91 29.81 4.38
CA ALA C 109 40.49 28.64 5.20
C ALA C 109 40.64 28.87 6.72
N ALA C 110 41.79 29.39 7.13
CA ALA C 110 42.02 29.65 8.54
C ALA C 110 41.10 30.76 9.04
N ALA C 111 40.72 31.69 8.17
CA ALA C 111 39.83 32.79 8.52
C ALA C 111 38.41 32.28 8.68
N ARG C 112 38.03 31.40 7.76
CA ARG C 112 36.73 30.75 7.74
C ARG C 112 36.62 29.84 8.95
N ALA C 113 37.72 29.20 9.33
CA ALA C 113 37.75 28.33 10.50
C ALA C 113 37.48 29.11 11.80
N GLU C 114 38.04 30.30 11.90
CA GLU C 114 37.83 31.15 13.06
C GLU C 114 36.37 31.57 13.15
N ARG C 115 35.74 31.85 12.01
CA ARG C 115 34.34 32.21 12.00
C ARG C 115 33.49 31.02 12.43
N ILE C 116 33.85 29.82 11.99
CA ILE C 116 33.14 28.62 12.41
C ILE C 116 33.35 28.40 13.92
N ARG C 117 34.57 28.53 14.38
CA ARG C 117 34.82 28.41 15.82
C ARG C 117 33.95 29.38 16.63
N GLN C 118 33.84 30.61 16.16
CA GLN C 118 33.05 31.57 16.92
C GLN C 118 31.54 31.28 16.87
N TYR C 119 31.08 30.73 15.77
CA TYR C 119 29.68 30.27 15.72
C TYR C 119 29.42 29.13 16.70
N PHE C 120 30.28 28.11 16.70
CA PHE C 120 30.11 27.05 17.68
C PHE C 120 30.26 27.53 19.10
N ASP C 121 31.00 28.60 19.33
CA ASP C 121 31.13 29.11 20.69
C ASP C 121 29.79 29.61 21.23
N LEU C 122 29.03 30.26 20.36
CA LEU C 122 27.74 30.77 20.75
C LEU C 122 26.77 29.63 20.80
N HIS C 123 26.90 28.70 19.85
CA HIS C 123 25.95 27.59 19.71
C HIS C 123 26.64 26.25 19.82
N PRO C 124 27.11 25.93 21.03
CA PRO C 124 27.89 24.73 21.21
C PRO C 124 27.12 23.46 20.89
N GLU C 125 25.79 23.49 20.99
CA GLU C 125 24.95 22.32 20.72
C GLU C 125 25.04 21.83 19.30
N ASP C 126 25.35 22.76 18.40
CA ASP C 126 25.44 22.47 17.01
C ASP C 126 26.63 21.61 16.65
N LYS C 127 27.59 21.45 17.58
CA LYS C 127 28.68 20.53 17.34
C LYS C 127 28.54 19.31 18.25
N GLU C 128 27.36 19.15 18.85
CA GLU C 128 27.03 18.06 19.76
C GLU C 128 25.84 17.28 19.21
N THR C 129 25.14 16.57 20.07
N THR C 129 25.15 16.51 20.04
CA THR C 129 24.06 15.74 19.58
CA THR C 129 24.09 15.64 19.48
C THR C 129 22.95 16.49 18.82
C THR C 129 22.99 16.39 18.73
N GLN C 130 22.65 17.72 19.24
N GLN C 130 22.64 17.59 19.18
CA GLN C 130 21.65 18.53 18.52
CA GLN C 130 21.63 18.36 18.46
C GLN C 130 22.05 18.74 17.04
C GLN C 130 22.09 18.58 17.01
N GLY C 131 23.31 19.06 16.83
CA GLY C 131 23.85 19.25 15.49
C GLY C 131 23.83 17.97 14.67
N LEU C 132 24.32 16.87 15.27
CA LEU C 132 24.28 15.53 14.61
C LEU C 132 22.89 15.09 14.17
N ARG C 133 21.89 15.28 15.03
CA ARG C 133 20.54 14.85 14.74
C ARG C 133 20.03 15.58 13.49
N LEU C 134 20.30 16.90 13.38
CA LEU C 134 19.89 17.66 12.19
C LEU C 134 20.71 17.20 10.96
N ASP C 135 22.04 17.30 11.04
CA ASP C 135 22.88 16.92 9.90
C ASP C 135 22.60 15.48 9.41
N VAL C 136 22.58 14.50 10.30
CA VAL C 136 22.37 13.14 9.86
C VAL C 136 20.90 12.91 9.49
N GLY C 137 19.97 13.69 10.04
CA GLY C 137 18.56 13.58 9.64
C GLY C 137 18.47 14.01 8.19
N LEU C 138 19.23 15.04 7.77
CA LEU C 138 19.17 15.44 6.37
C LEU C 138 19.69 14.31 5.44
N PHE C 139 20.79 13.72 5.83
CA PHE C 139 21.39 12.57 5.15
C PHE C 139 20.39 11.44 5.07
N ALA C 140 19.75 11.15 6.20
CA ALA C 140 18.78 10.04 6.26
C ALA C 140 17.61 10.20 5.34
N MSE C 141 17.05 11.42 5.25
CA MSE C 141 15.92 11.65 4.34
C MSE C 141 16.37 11.49 2.88
O MSE C 141 15.71 10.85 2.07
CB MSE C 141 15.34 13.04 4.59
CG MSE C 141 14.21 13.43 3.68
SE MSE C 141 12.55 12.63 4.30
CE MSE C 141 12.48 11.09 3.24
N ASN C 142 17.56 11.98 2.61
CA ASN C 142 18.12 11.85 1.27
C ASN C 142 18.34 10.38 0.90
N LEU C 143 18.90 9.64 1.82
CA LEU C 143 19.04 8.18 1.62
C LEU C 143 17.69 7.46 1.36
N MSE C 144 16.66 7.78 2.16
CA MSE C 144 15.33 7.21 1.91
C MSE C 144 14.78 7.49 0.53
O MSE C 144 14.09 6.68 -0.02
CB MSE C 144 14.39 7.60 3.01
CG MSE C 144 14.78 6.98 4.35
SE MSE C 144 13.37 7.40 5.67
CE MSE C 144 14.34 8.85 6.66
N GLN C 145 15.08 8.68 0.02
N GLN C 145 15.05 8.64 -0.08
CA GLN C 145 14.70 9.08 -1.32
CA GLN C 145 14.55 8.84 -1.45
C GLN C 145 15.48 8.22 -2.35
C GLN C 145 15.50 8.22 -2.48
N VAL C 146 16.80 8.22 -2.19
CA VAL C 146 17.72 7.58 -3.10
C VAL C 146 17.43 6.08 -3.22
N VAL C 147 17.14 5.39 -2.12
CA VAL C 147 16.93 3.94 -2.22
C VAL C 147 15.75 3.62 -3.13
N ARG C 148 14.75 4.51 -3.12
N ARG C 148 14.76 4.50 -3.17
CA ARG C 148 13.54 4.44 -3.99
CA ARG C 148 13.61 4.24 -4.02
C ARG C 148 13.88 4.43 -5.49
C ARG C 148 13.88 4.42 -5.52
N VAL C 149 14.91 5.17 -5.88
CA VAL C 149 15.34 5.25 -7.27
C VAL C 149 15.71 3.89 -7.83
N TYR C 150 16.25 3.04 -6.98
CA TYR C 150 16.70 1.70 -7.35
C TYR C 150 15.65 0.63 -7.13
N GLY C 151 14.46 1.03 -6.67
CA GLY C 151 13.37 0.10 -6.56
C GLY C 151 13.23 -0.55 -5.20
N TYR C 152 13.93 0.00 -4.21
CA TYR C 152 13.88 -0.49 -2.86
C TYR C 152 13.03 0.45 -2.00
N ASP C 153 12.73 -0.02 -0.82
CA ASP C 153 11.98 0.76 0.16
C ASP C 153 12.67 0.62 1.52
N SER C 154 12.17 1.37 2.47
CA SER C 154 12.77 1.39 3.82
C SER C 154 11.74 1.75 4.86
N VAL C 155 12.18 1.66 6.11
CA VAL C 155 11.42 2.21 7.25
C VAL C 155 12.39 2.76 8.25
N PRO C 156 12.26 4.04 8.60
CA PRO C 156 13.22 4.61 9.57
C PRO C 156 12.85 4.16 10.99
N MSE C 157 13.83 3.94 11.87
CA MSE C 157 13.54 3.37 13.19
C MSE C 157 14.45 3.90 14.29
O MSE C 157 15.58 4.13 14.01
CB MSE C 157 13.67 1.85 13.14
CG MSE C 157 12.86 1.18 12.06
SE MSE C 157 13.28 -0.73 12.02
CE MSE C 157 12.80 -1.28 13.88
N ARG C 158 13.88 4.17 15.48
CA ARG C 158 14.58 4.39 16.77
C ARG C 158 13.98 3.52 17.87
N GLY C 159 12.88 2.78 17.60
CA GLY C 159 12.28 1.91 18.66
C GLY C 159 13.10 0.64 18.86
N VAL C 160 14.37 0.83 19.20
CA VAL C 160 15.34 -0.25 19.30
C VAL C 160 16.31 0.06 20.43
N ASP C 161 17.08 -0.95 20.84
CA ASP C 161 18.04 -0.78 21.91
C ASP C 161 19.38 -0.43 21.29
N PHE C 162 19.58 0.86 21.03
CA PHE C 162 20.80 1.29 20.39
C PHE C 162 22.03 0.98 21.22
N ASP C 163 21.92 0.98 22.54
CA ASP C 163 23.08 0.63 23.37
C ASP C 163 23.52 -0.81 23.11
N ALA C 164 22.57 -1.74 23.12
CA ALA C 164 22.89 -3.14 22.90
C ALA C 164 23.43 -3.35 21.50
N ILE C 165 22.87 -2.63 20.52
CA ILE C 165 23.30 -2.73 19.12
C ILE C 165 24.78 -2.31 18.96
N LYS C 166 25.13 -1.17 19.56
CA LYS C 166 26.50 -0.68 19.52
C LYS C 166 27.45 -1.72 20.09
N THR C 167 27.06 -2.28 21.24
CA THR C 167 27.87 -3.31 21.88
C THR C 167 27.97 -4.54 20.99
N TYR C 168 26.86 -4.91 20.35
CA TYR C 168 26.81 -6.10 19.51
C TYR C 168 27.72 -6.00 18.29
N LEU C 169 27.87 -4.78 17.79
CA LEU C 169 28.64 -4.51 16.58
C LEU C 169 29.99 -3.86 16.86
N ASP C 170 30.37 -3.72 18.12
CA ASP C 170 31.68 -3.16 18.47
C ASP C 170 31.86 -1.73 17.93
N MSE C 171 30.84 -0.89 18.13
CA MSE C 171 30.83 0.48 17.62
C MSE C 171 31.63 1.42 18.54
O MSE C 171 31.61 1.26 19.76
CB MSE C 171 29.41 1.01 17.56
CG MSE C 171 28.46 0.23 16.68
SE MSE C 171 28.85 0.37 14.79
CE MSE C 171 30.42 -0.85 14.63
N PRO C 172 32.31 2.42 17.94
CA PRO C 172 32.96 3.40 18.78
C PRO C 172 31.95 4.03 19.74
N ASN C 173 32.39 4.21 20.98
CA ASN C 173 31.55 4.78 22.01
C ASN C 173 31.15 6.20 21.62
N GLY C 174 32.05 6.88 20.91
CA GLY C 174 31.83 8.25 20.51
C GLY C 174 30.60 8.43 19.64
N TRP C 175 30.41 7.52 18.69
CA TRP C 175 29.33 7.63 17.71
C TRP C 175 27.94 7.56 18.28
N GLU C 176 27.13 8.57 17.97
CA GLU C 176 25.79 8.69 18.48
C GLU C 176 24.89 7.99 17.50
N PRO C 177 24.09 7.04 17.98
CA PRO C 177 23.12 6.40 17.06
C PRO C 177 22.01 7.37 16.69
N ILE C 178 21.71 7.49 15.40
CA ILE C 178 20.66 8.41 14.91
C ILE C 178 19.44 7.63 14.43
N LEU C 179 19.63 6.65 13.54
CA LEU C 179 18.53 5.96 12.97
C LEU C 179 18.99 4.57 12.49
N MSE C 180 18.11 3.58 12.63
CA MSE C 180 18.27 2.27 12.03
C MSE C 180 17.36 2.25 10.79
O MSE C 180 16.17 2.66 10.88
CB MSE C 180 17.88 1.16 12.99
CG MSE C 180 17.73 -0.11 12.24
SE MSE C 180 17.27 -1.65 13.37
CE MSE C 180 18.73 -1.77 13.98
N LEU C 181 17.89 1.86 9.62
CA LEU C 181 17.10 1.92 8.40
C LEU C 181 17.18 0.60 7.63
N PRO C 182 16.26 -0.33 7.91
CA PRO C 182 16.16 -1.52 7.06
C PRO C 182 15.76 -1.14 5.62
N VAL C 183 16.39 -1.76 4.61
CA VAL C 183 16.15 -1.47 3.22
C VAL C 183 15.90 -2.79 2.52
N GLY C 184 14.85 -2.86 1.73
CA GLY C 184 14.55 -4.07 0.98
C GLY C 184 13.50 -3.88 -0.07
N LYS C 185 13.13 -5.01 -0.65
CA LYS C 185 12.07 -5.07 -1.65
C LYS C 185 10.74 -5.31 -0.94
N ALA C 186 9.79 -4.40 -1.14
CA ALA C 186 8.50 -4.47 -0.48
C ALA C 186 7.72 -5.67 -0.94
N LEU C 187 7.15 -6.40 0.00
CA LEU C 187 6.13 -7.43 -0.27
C LEU C 187 4.71 -6.83 -0.18
N GLN C 188 4.59 -5.74 0.55
CA GLN C 188 3.38 -4.93 0.60
C GLN C 188 3.75 -3.43 0.62
N ALA C 189 3.06 -2.61 -0.16
CA ALA C 189 3.36 -1.19 -0.21
C ALA C 189 2.96 -0.54 1.13
N GLY C 190 3.58 0.61 1.41
CA GLY C 190 3.20 1.39 2.56
C GLY C 190 1.79 1.94 2.42
N ASN C 191 1.29 2.50 3.51
CA ASN C 191 -0.02 3.17 3.51
C ASN C 191 -0.01 4.61 3.01
N PRO C 192 -1.18 5.12 2.51
CA PRO C 192 -1.16 6.55 2.16
C PRO C 192 -0.76 7.39 3.36
N HIS C 193 -0.09 8.50 3.12
CA HIS C 193 0.36 9.37 4.22
C HIS C 193 -0.86 9.99 4.85
N VAL C 194 -0.91 9.97 6.19
CA VAL C 194 -1.92 10.68 6.97
C VAL C 194 -1.20 11.75 7.76
N ARG C 195 -1.60 13.00 7.52
CA ARG C 195 -0.90 14.12 8.10
C ARG C 195 -1.82 15.28 8.46
N LYS C 196 -1.37 16.06 9.44
CA LYS C 196 -2.01 17.29 9.82
C LYS C 196 -1.94 18.19 8.60
N SER C 197 -2.97 18.97 8.37
CA SER C 197 -3.02 19.87 7.21
C SER C 197 -1.98 20.98 7.35
N VAL C 198 -1.64 21.59 6.22
CA VAL C 198 -0.75 22.73 6.19
C VAL C 198 -1.24 23.85 7.12
N ALA C 199 -2.52 24.16 7.09
CA ALA C 199 -3.04 25.23 7.94
C ALA C 199 -2.82 24.92 9.44
N GLU C 200 -2.65 23.65 9.81
CA GLU C 200 -2.51 23.26 11.21
C GLU C 200 -1.06 23.38 11.67
N PHE C 201 -0.11 23.57 10.76
CA PHE C 201 1.27 23.68 11.22
C PHE C 201 2.07 24.85 10.65
N ALA C 202 1.49 25.56 9.67
CA ALA C 202 2.19 26.62 8.98
C ALA C 202 1.39 27.90 8.88
N GLU C 203 2.10 29.01 8.88
CA GLU C 203 1.46 30.28 8.59
C GLU C 203 2.31 31.02 7.55
N ILE C 204 1.67 31.74 6.62
CA ILE C 204 2.38 32.53 5.63
C ILE C 204 2.10 33.98 5.89
N ILE C 205 3.13 34.79 6.08
CA ILE C 205 2.96 36.22 6.36
C ILE C 205 3.43 37.07 5.19
N GLU C 206 2.56 37.90 4.63
CA GLU C 206 2.94 38.82 3.58
C GLU C 206 2.79 40.26 4.07
N MSE D 2 14.29 7.15 -16.52
CA MSE D 2 13.30 7.55 -15.48
C MSE D 2 13.93 7.39 -14.11
O MSE D 2 13.86 8.33 -13.29
CB MSE D 2 11.99 6.78 -15.62
CG MSE D 2 10.96 7.19 -14.57
SE MSE D 2 9.06 7.12 -15.13
CE MSE D 2 8.29 6.54 -13.33
N MSE D 3 14.50 6.22 -13.85
N MSE D 3 14.51 6.23 -13.83
CA MSE D 3 15.30 5.98 -12.64
CA MSE D 3 15.25 6.04 -12.59
C MSE D 3 16.40 7.03 -12.61
C MSE D 3 16.41 7.04 -12.59
O MSE D 3 16.56 7.74 -11.61
O MSE D 3 16.64 7.73 -11.59
CB MSE D 3 15.93 4.56 -12.62
CB MSE D 3 15.77 4.61 -12.44
CG MSE D 3 17.16 4.39 -11.69
CG MSE D 3 14.71 3.59 -12.08
SE MSE D 3 18.13 2.65 -11.72
SE MSE D 3 15.45 1.85 -11.53
CE MSE D 3 16.79 1.48 -10.95
CE MSE D 3 16.09 1.23 -13.28
N ASN D 4 17.13 7.14 -13.71
CA ASN D 4 18.23 8.07 -13.80
C ASN D 4 17.78 9.51 -13.75
N ASP D 5 16.59 9.82 -14.25
CA ASP D 5 16.10 11.18 -14.18
C ASP D 5 15.83 11.55 -12.72
N TYR D 6 15.29 10.60 -11.97
CA TYR D 6 15.02 10.85 -10.54
C TYR D 6 16.33 11.06 -9.77
N LEU D 7 17.33 10.26 -10.08
CA LEU D 7 18.60 10.36 -9.40
C LEU D 7 19.25 11.72 -9.75
N ASN D 8 19.19 12.07 -11.02
CA ASN D 8 19.72 13.36 -11.48
C ASN D 8 18.97 14.50 -10.81
N PHE D 9 17.66 14.36 -10.65
CA PHE D 9 16.86 15.35 -9.89
C PHE D 9 17.35 15.51 -8.44
N LEU D 10 17.44 14.41 -7.72
CA LEU D 10 17.91 14.48 -6.35
C LEU D 10 19.29 15.11 -6.26
N ASP D 11 20.19 14.74 -7.16
CA ASP D 11 21.57 15.21 -7.14
C ASP D 11 21.65 16.70 -7.43
N GLY D 12 20.61 17.21 -8.05
CA GLY D 12 20.59 18.61 -8.45
C GLY D 12 20.35 19.57 -7.32
N ARG D 13 19.97 19.10 -6.13
CA ARG D 13 19.87 20.00 -5.00
C ARG D 13 21.26 20.45 -4.51
N VAL D 14 21.50 21.76 -4.54
CA VAL D 14 22.70 22.38 -4.02
C VAL D 14 22.25 23.68 -3.36
N SER D 15 23.09 24.23 -2.49
CA SER D 15 22.78 25.53 -1.88
C SER D 15 22.93 26.62 -2.90
N VAL D 16 21.88 27.42 -3.01
CA VAL D 16 21.87 28.60 -3.87
C VAL D 16 21.75 29.81 -2.95
N ARG D 17 22.65 30.78 -3.16
CA ARG D 17 22.67 31.97 -2.33
C ARG D 17 22.47 33.25 -3.13
N ARG D 18 22.34 33.13 -4.46
CA ARG D 18 22.08 34.30 -5.29
C ARG D 18 20.72 34.11 -5.93
N PHE D 19 19.72 34.84 -5.41
CA PHE D 19 18.35 34.76 -5.84
C PHE D 19 17.92 36.04 -6.57
N ASP D 20 16.90 35.89 -7.42
CA ASP D 20 16.32 36.96 -8.20
C ASP D 20 15.33 37.68 -7.31
N PRO D 21 15.65 38.94 -6.92
CA PRO D 21 14.79 39.66 -6.00
C PRO D 21 13.44 40.00 -6.57
N ASP D 22 13.28 39.91 -7.89
CA ASP D 22 11.99 40.16 -8.52
C ASP D 22 11.16 38.92 -8.75
N ALA D 23 11.73 37.72 -8.53
CA ALA D 23 10.96 36.47 -8.71
C ALA D 23 9.95 36.33 -7.58
N VAL D 24 8.79 35.76 -7.89
CA VAL D 24 7.71 35.58 -6.92
C VAL D 24 7.46 34.11 -6.65
N LEU D 25 7.13 33.80 -5.41
CA LEU D 25 6.74 32.45 -5.02
C LEU D 25 5.32 32.60 -4.50
N PRO D 26 4.32 32.24 -5.33
CA PRO D 26 2.93 32.44 -4.94
C PRO D 26 2.45 31.53 -3.79
N ASN D 27 1.49 32.01 -3.00
CA ASN D 27 1.02 31.28 -1.84
C ASN D 27 0.47 29.91 -2.17
N ASP D 28 -0.17 29.76 -3.32
CA ASP D 28 -0.72 28.45 -3.72
C ASP D 28 0.38 27.38 -3.82
N LEU D 29 1.51 27.76 -4.41
CA LEU D 29 2.64 26.86 -4.47
C LEU D 29 3.31 26.63 -3.10
N ILE D 30 3.33 27.66 -2.26
CA ILE D 30 3.90 27.50 -0.91
C ILE D 30 3.14 26.47 -0.15
N LYS D 31 1.80 26.53 -0.24
CA LYS D 31 0.96 25.56 0.45
C LYS D 31 1.20 24.12 -0.10
N ASP D 32 1.27 23.99 -1.42
CA ASP D 32 1.64 22.71 -2.08
C ASP D 32 3.00 22.21 -1.62
N MSE D 33 4.00 23.08 -1.57
CA MSE D 33 5.35 22.69 -1.15
C MSE D 33 5.30 22.13 0.27
O MSE D 33 5.79 21.02 0.57
CB MSE D 33 6.27 23.92 -1.20
CG MSE D 33 6.67 24.30 -2.61
SE MSE D 33 7.50 26.01 -2.57
CE MSE D 33 8.02 25.95 -4.40
N LEU D 34 4.60 22.85 1.14
CA LEU D 34 4.49 22.39 2.54
C LEU D 34 3.68 21.10 2.71
N GLU D 35 2.63 20.92 1.93
CA GLU D 35 1.87 19.71 1.98
C GLU D 35 2.74 18.54 1.60
N HIS D 36 3.45 18.67 0.48
CA HIS D 36 4.31 17.54 0.03
C HIS D 36 5.48 17.32 1.00
N ALA D 37 6.05 18.40 1.50
CA ALA D 37 7.13 18.28 2.48
C ALA D 37 6.67 17.53 3.72
N SER D 38 5.42 17.75 4.13
CA SER D 38 4.87 17.12 5.34
C SER D 38 4.77 15.60 5.28
N TYR D 39 4.92 15.03 4.09
CA TYR D 39 4.95 13.58 3.95
C TYR D 39 6.23 12.95 4.47
N ALA D 40 7.15 13.76 4.99
CA ALA D 40 8.35 13.27 5.59
C ALA D 40 7.93 12.38 6.76
N PRO D 41 8.78 11.42 7.09
CA PRO D 41 8.52 10.59 8.24
C PRO D 41 8.89 11.35 9.54
N SER D 42 8.32 10.91 10.66
CA SER D 42 8.64 11.40 12.00
C SER D 42 8.30 10.29 12.96
N GLY D 43 8.97 10.29 14.10
CA GLY D 43 8.78 9.26 15.11
C GLY D 43 7.31 9.24 15.50
N ASN D 44 6.69 8.07 15.40
CA ASN D 44 5.28 7.87 15.77
C ASN D 44 4.32 8.82 15.04
N ASN D 45 4.78 9.35 13.93
CA ASN D 45 4.00 10.33 13.13
C ASN D 45 3.57 11.52 13.99
N PHE D 46 4.41 11.92 14.92
CA PHE D 46 4.10 13.11 15.69
C PHE D 46 4.17 14.42 14.89
N GLN D 47 4.96 14.49 13.82
CA GLN D 47 4.94 15.69 12.93
C GLN D 47 5.13 17.00 13.72
N PRO D 48 6.26 17.08 14.45
CA PRO D 48 6.47 18.21 15.34
C PRO D 48 6.88 19.52 14.69
N TRP D 49 6.97 19.55 13.38
CA TRP D 49 7.34 20.74 12.67
C TRP D 49 6.29 21.86 12.70
N ARG D 50 6.74 23.09 12.80
CA ARG D 50 5.89 24.26 12.69
C ARG D 50 6.66 25.22 11.79
N VAL D 51 5.98 25.93 10.90
CA VAL D 51 6.65 26.72 9.92
C VAL D 51 6.04 28.11 9.87
N VAL D 52 6.90 29.10 9.75
CA VAL D 52 6.40 30.47 9.44
C VAL D 52 7.11 30.88 8.20
N VAL D 53 6.34 31.27 7.17
CA VAL D 53 6.94 31.68 5.88
C VAL D 53 6.83 33.20 5.78
N VAL D 54 7.97 33.88 5.74
CA VAL D 54 8.00 35.35 5.64
C VAL D 54 8.18 35.76 4.18
N LYS D 55 7.19 36.47 3.63
CA LYS D 55 7.18 36.87 2.22
C LYS D 55 6.84 38.35 2.16
N ASN D 56 7.85 39.15 2.43
CA ASN D 56 7.67 40.61 2.63
C ASN D 56 9.06 41.13 2.67
N LYS D 57 9.43 41.89 1.66
CA LYS D 57 10.83 42.30 1.52
C LYS D 57 11.36 43.16 2.68
N ASN D 58 10.54 44.04 3.22
CA ASN D 58 10.90 44.85 4.40
C ASN D 58 11.23 44.00 5.61
N LYS D 59 10.35 43.03 5.89
CA LYS D 59 10.63 42.10 6.98
C LYS D 59 11.86 41.22 6.71
N GLN D 60 12.08 40.85 5.46
CA GLN D 60 13.25 40.03 5.10
C GLN D 60 14.56 40.83 5.29
N GLU D 61 14.51 42.13 5.00
CA GLU D 61 15.66 43.00 5.27
C GLU D 61 15.94 43.04 6.77
N ASP D 62 14.88 43.04 7.58
CA ASP D 62 15.06 42.99 9.03
C ASP D 62 15.70 41.67 9.41
N LEU D 63 15.24 40.57 8.81
CA LEU D 63 15.79 39.26 9.09
C LEU D 63 17.25 39.14 8.60
N LYS D 64 17.58 39.83 7.51
CA LYS D 64 18.93 39.79 7.01
C LYS D 64 19.90 40.35 8.07
N LYS D 65 19.45 41.37 8.78
CA LYS D 65 20.25 41.99 9.84
C LYS D 65 20.53 41.06 11.00
N LEU D 66 19.61 40.11 11.21
CA LEU D 66 19.74 39.10 12.24
C LEU D 66 20.37 37.80 11.73
N ALA D 67 20.86 37.84 10.48
CA ALA D 67 21.43 36.65 9.85
C ALA D 67 22.81 36.98 9.25
N ALA D 68 23.59 37.75 10.00
CA ALA D 68 24.95 38.06 9.63
C ALA D 68 25.02 38.76 8.27
N LEU D 69 23.98 39.50 7.93
CA LEU D 69 23.85 40.23 6.68
C LEU D 69 23.99 39.32 5.42
N GLN D 70 23.62 38.05 5.55
CA GLN D 70 23.70 37.14 4.42
C GLN D 70 22.65 37.57 3.39
N PRO D 71 23.09 37.88 2.17
CA PRO D 71 22.23 38.56 1.22
C PRO D 71 21.00 37.77 0.76
N GLN D 72 21.12 36.46 0.72
CA GLN D 72 20.05 35.61 0.26
C GLN D 72 18.75 35.74 1.06
N VAL D 73 18.86 36.20 2.30
CA VAL D 73 17.71 36.31 3.17
C VAL D 73 16.76 37.36 2.62
N ALA D 74 17.35 38.45 2.07
CA ALA D 74 16.56 39.57 1.51
C ALA D 74 16.16 39.42 0.05
N THR D 75 16.94 38.68 -0.74
CA THR D 75 16.63 38.53 -2.16
C THR D 75 15.68 37.37 -2.45
N ALA D 76 15.58 36.43 -1.51
CA ALA D 76 14.68 35.29 -1.69
C ALA D 76 13.23 35.69 -1.85
N SER D 77 12.49 34.84 -2.55
CA SER D 77 11.08 35.02 -2.75
C SER D 77 10.27 34.81 -1.49
N ALA D 78 10.75 33.95 -0.60
CA ALA D 78 10.12 33.75 0.70
C ALA D 78 11.19 33.13 1.64
N VAL D 79 11.11 33.41 2.93
CA VAL D 79 12.02 32.80 3.89
C VAL D 79 11.20 31.88 4.77
N PHE D 80 11.52 30.56 4.71
CA PHE D 80 10.79 29.54 5.44
C PHE D 80 11.55 29.37 6.77
N LEU D 81 10.89 29.64 7.88
CA LEU D 81 11.45 29.45 9.21
C LEU D 81 10.89 28.17 9.74
N LEU D 82 11.75 27.18 9.99
CA LEU D 82 11.34 25.89 10.45
C LEU D 82 11.64 25.70 11.96
N PHE D 83 10.60 25.39 12.71
CA PHE D 83 10.70 25.18 14.15
C PHE D 83 10.24 23.77 14.50
N GLY D 84 10.66 23.32 15.68
CA GLY D 84 10.06 22.15 16.30
C GLY D 84 9.32 22.58 17.57
N ASP D 85 8.14 22.01 17.79
CA ASP D 85 7.32 22.26 18.97
C ASP D 85 7.43 21.11 19.97
N GLU D 86 8.02 21.40 21.12
CA GLU D 86 8.20 20.45 22.23
C GLU D 86 6.81 19.86 22.57
N ASN D 87 5.81 20.72 22.50
CA ASN D 87 4.48 20.30 22.87
C ASN D 87 3.82 19.37 21.89
N ALA D 88 4.41 19.15 20.70
CA ALA D 88 3.86 18.23 19.72
C ALA D 88 3.87 16.81 20.20
N TYR D 89 4.76 16.52 21.15
CA TYR D 89 4.89 15.15 21.63
C TYR D 89 3.86 14.88 22.74
N ASP D 90 2.60 15.10 22.41
CA ASP D 90 1.45 15.08 23.31
C ASP D 90 0.67 13.80 22.99
N LEU D 91 0.61 12.90 23.96
N LEU D 91 0.61 12.91 23.96
CA LEU D 91 -0.02 11.61 23.69
CA LEU D 91 0.00 11.60 23.74
C LEU D 91 -1.55 11.69 23.63
C LEU D 91 -1.54 11.59 23.82
N THR D 92 -2.14 12.70 24.22
CA THR D 92 -3.59 12.88 24.11
C THR D 92 -3.93 13.18 22.62
N TRP D 93 -3.25 14.15 22.05
CA TRP D 93 -3.36 14.44 20.62
C TRP D 93 -3.05 13.19 19.79
N TRP D 94 -2.04 12.45 20.20
CA TRP D 94 -1.58 11.37 19.38
C TRP D 94 -2.70 10.36 19.21
N GLN D 95 -3.37 10.08 20.30
CA GLN D 95 -4.47 9.14 20.27
C GLN D 95 -5.64 9.73 19.45
N GLU D 96 -6.00 10.98 19.73
CA GLU D 96 -7.10 11.63 19.04
C GLU D 96 -6.92 11.65 17.53
N PHE D 97 -5.71 12.04 17.11
CA PHE D 97 -5.38 12.15 15.68
C PHE D 97 -5.44 10.81 14.99
N HIS D 98 -4.82 9.78 15.59
CA HIS D 98 -4.76 8.48 14.95
C HIS D 98 -6.09 7.73 14.95
N VAL D 99 -6.88 7.89 16.01
CA VAL D 99 -8.21 7.29 16.07
C VAL D 99 -9.20 8.03 15.13
N GLN D 100 -9.19 9.36 15.15
CA GLN D 100 -10.06 10.16 14.28
C GLN D 100 -9.75 9.96 12.79
N LYS D 101 -8.50 9.68 12.45
CA LYS D 101 -8.10 9.48 11.06
C LYS D 101 -8.30 8.02 10.63
N GLY D 102 -8.88 7.18 11.51
CA GLY D 102 -9.12 5.78 11.18
C GLY D 102 -7.87 4.90 11.09
N ILE D 103 -6.76 5.33 11.69
CA ILE D 103 -5.53 4.55 11.62
C ILE D 103 -5.60 3.33 12.54
N ILE D 104 -6.10 3.56 13.75
CA ILE D 104 -6.13 2.53 14.78
C ILE D 104 -7.33 2.75 15.69
N THR D 105 -7.73 1.73 16.43
CA THR D 105 -8.87 1.86 17.35
C THR D 105 -8.46 2.59 18.62
N LYS D 106 -9.47 2.94 19.42
CA LYS D 106 -9.24 3.64 20.71
C LYS D 106 -8.40 2.77 21.66
N ASP D 107 -8.79 1.50 21.80
CA ASP D 107 -8.04 0.55 22.63
C ASP D 107 -6.60 0.44 22.16
N GLU D 108 -6.44 0.28 20.86
CA GLU D 108 -5.11 0.20 20.26
C GLU D 108 -4.30 1.42 20.61
N ALA D 109 -4.90 2.60 20.45
CA ALA D 109 -4.18 3.84 20.71
C ALA D 109 -3.78 3.99 22.18
N ALA D 110 -4.65 3.57 23.09
CA ALA D 110 -4.34 3.66 24.54
C ALA D 110 -3.15 2.81 24.93
N ALA D 111 -3.13 1.59 24.39
CA ALA D 111 -2.06 0.66 24.63
C ALA D 111 -0.77 1.21 24.05
N ARG D 112 -0.83 1.70 22.81
CA ARG D 112 0.33 2.26 22.13
C ARG D 112 0.87 3.46 22.88
N ALA D 113 -0.05 4.28 23.40
CA ALA D 113 0.34 5.50 24.06
C ALA D 113 1.16 5.22 25.33
N GLU D 114 0.80 4.18 26.10
CA GLU D 114 1.58 3.89 27.30
C GLU D 114 2.97 3.43 26.91
N ARG D 115 3.09 2.64 25.85
CA ARG D 115 4.40 2.23 25.35
C ARG D 115 5.25 3.43 24.90
N ILE D 116 4.63 4.39 24.22
CA ILE D 116 5.36 5.60 23.80
C ILE D 116 5.80 6.41 25.04
N ARG D 117 4.92 6.53 26.02
CA ARG D 117 5.26 7.22 27.26
C ARG D 117 6.46 6.56 27.94
N GLN D 118 6.44 5.23 28.01
CA GLN D 118 7.54 4.52 28.66
C GLN D 118 8.85 4.70 27.90
N TYR D 119 8.76 4.80 26.59
CA TYR D 119 9.92 5.05 25.75
C TYR D 119 10.50 6.40 26.06
N PHE D 120 9.66 7.44 26.03
CA PHE D 120 10.14 8.79 26.33
C PHE D 120 10.62 8.94 27.77
N ASP D 121 10.06 8.14 28.68
CA ASP D 121 10.52 8.12 30.07
C ASP D 121 12.01 7.72 30.13
N LEU D 122 12.41 6.75 29.29
CA LEU D 122 13.80 6.27 29.25
C LEU D 122 14.68 7.09 28.32
N HIS D 123 14.04 7.73 27.35
CA HIS D 123 14.75 8.47 26.32
C HIS D 123 14.17 9.87 26.19
N PRO D 124 14.33 10.70 27.24
CA PRO D 124 13.67 11.99 27.25
C PRO D 124 14.15 12.89 26.14
N GLU D 125 15.39 12.71 25.68
CA GLU D 125 15.93 13.54 24.57
C GLU D 125 15.08 13.44 23.30
N ASP D 126 14.39 12.31 23.11
CA ASP D 126 13.62 12.12 21.88
C ASP D 126 12.31 12.92 21.82
N LYS D 127 11.90 13.48 22.95
CA LYS D 127 10.79 14.44 23.00
C LYS D 127 11.31 15.82 23.32
N GLU D 128 12.62 16.05 23.20
CA GLU D 128 13.20 17.36 23.45
C GLU D 128 13.93 17.77 22.17
N THR D 129 14.89 18.67 22.28
CA THR D 129 15.54 19.22 21.08
C THR D 129 16.18 18.19 20.19
N GLN D 130 16.73 17.12 20.76
N GLN D 130 16.76 17.12 20.73
CA GLN D 130 17.38 16.10 19.94
CA GLN D 130 17.38 16.11 19.85
C GLN D 130 16.34 15.44 19.00
C GLN D 130 16.32 15.46 18.96
N GLY D 131 15.17 15.13 19.53
CA GLY D 131 14.10 14.50 18.76
C GLY D 131 13.63 15.48 17.71
N LEU D 132 13.47 16.72 18.09
CA LEU D 132 12.96 17.74 17.17
C LEU D 132 13.92 17.98 16.01
N ARG D 133 15.22 18.00 16.32
CA ARG D 133 16.23 18.20 15.29
C ARG D 133 16.16 17.12 14.20
N LEU D 134 15.98 15.84 14.62
CA LEU D 134 15.88 14.75 13.66
C LEU D 134 14.59 14.87 12.88
N ASP D 135 13.48 15.05 13.57
CA ASP D 135 12.17 15.00 12.92
C ASP D 135 12.06 16.17 11.92
N VAL D 136 12.42 17.37 12.37
CA VAL D 136 12.29 18.58 11.53
C VAL D 136 13.41 18.58 10.46
N GLY D 137 14.52 17.91 10.72
CA GLY D 137 15.55 17.73 9.72
C GLY D 137 15.04 16.87 8.57
N LEU D 138 14.29 15.82 8.87
CA LEU D 138 13.71 14.98 7.80
C LEU D 138 12.78 15.82 6.94
N PHE D 139 11.91 16.58 7.61
CA PHE D 139 10.97 17.52 6.94
C PHE D 139 11.76 18.51 6.06
N ALA D 140 12.83 19.07 6.58
CA ALA D 140 13.57 20.11 5.90
C ALA D 140 14.18 19.61 4.62
N MSE D 141 14.72 18.38 4.67
CA MSE D 141 15.36 17.80 3.50
C MSE D 141 14.27 17.52 2.46
O MSE D 141 14.47 17.72 1.27
CB MSE D 141 16.13 16.54 3.91
CG MSE D 141 16.74 15.79 2.74
SE MSE D 141 18.40 16.56 2.18
CE MSE D 141 17.79 17.64 1.00
N ASN D 142 13.10 17.08 2.90
CA ASN D 142 12.07 16.82 1.93
C ASN D 142 11.62 18.13 1.29
N LEU D 143 11.45 19.17 2.09
CA LEU D 143 11.10 20.46 1.56
C LEU D 143 12.12 20.97 0.52
N MSE D 144 13.41 20.83 0.80
CA MSE D 144 14.45 21.26 -0.13
C MSE D 144 14.35 20.56 -1.48
O MSE D 144 14.72 21.16 -2.48
CB MSE D 144 15.88 21.10 0.44
CG MSE D 144 16.17 22.10 1.53
SE MSE D 144 17.96 22.01 2.16
CE MSE D 144 17.58 21.03 3.84
N GLN D 145 13.94 19.30 -1.50
CA GLN D 145 13.71 18.63 -2.77
C GLN D 145 12.40 19.08 -3.43
N VAL D 146 11.36 19.23 -2.63
CA VAL D 146 10.07 19.61 -3.19
C VAL D 146 10.08 20.98 -3.85
N VAL D 147 10.75 21.96 -3.27
CA VAL D 147 10.73 23.32 -3.84
C VAL D 147 11.34 23.35 -5.26
N ARG D 148 12.25 22.42 -5.51
N ARG D 148 12.28 22.46 -5.51
CA ARG D 148 12.93 22.27 -6.80
CA ARG D 148 12.93 22.29 -6.82
C ARG D 148 12.06 21.69 -7.92
C ARG D 148 11.98 21.81 -7.91
N VAL D 149 11.00 21.00 -7.55
CA VAL D 149 10.02 20.51 -8.50
C VAL D 149 9.37 21.67 -9.24
N TYR D 150 9.17 22.78 -8.50
CA TYR D 150 8.51 23.97 -9.01
C TYR D 150 9.41 25.01 -9.63
N GLY D 151 10.70 24.72 -9.71
CA GLY D 151 11.67 25.61 -10.34
C GLY D 151 12.43 26.54 -9.40
N TYR D 152 12.22 26.38 -8.10
CA TYR D 152 12.88 27.17 -7.09
C TYR D 152 14.07 26.41 -6.48
N ASP D 153 14.87 27.14 -5.74
CA ASP D 153 16.03 26.62 -5.02
C ASP D 153 16.09 27.25 -3.61
N SER D 154 17.05 26.76 -2.80
CA SER D 154 17.12 27.15 -1.41
C SER D 154 18.52 27.03 -0.90
N VAL D 155 18.72 27.57 0.30
CA VAL D 155 19.92 27.31 1.08
C VAL D 155 19.52 27.15 2.52
N PRO D 156 19.88 26.02 3.15
CA PRO D 156 19.55 25.86 4.57
C PRO D 156 20.52 26.67 5.41
N MSE D 157 20.03 27.24 6.49
CA MSE D 157 20.85 28.13 7.32
C MSE D 157 20.62 28.01 8.82
O MSE D 157 19.46 27.84 9.25
CB MSE D 157 20.59 29.57 6.95
CG MSE D 157 20.87 29.90 5.53
SE MSE D 157 20.24 31.67 5.09
CE MSE D 157 21.42 32.68 6.26
N ARG D 158 21.72 28.07 9.57
CA ARG D 158 21.72 28.26 11.02
C ARG D 158 22.63 29.39 11.52
N GLY D 159 23.46 29.97 10.67
CA GLY D 159 24.38 31.03 11.11
C GLY D 159 23.64 32.35 11.22
N VAL D 160 22.66 32.36 12.13
CA VAL D 160 21.79 33.50 12.33
C VAL D 160 21.48 33.60 13.83
N ASP D 161 20.92 34.73 14.24
CA ASP D 161 20.57 34.97 15.63
C ASP D 161 19.10 34.54 15.84
N PHE D 162 18.88 33.26 16.08
CA PHE D 162 17.50 32.78 16.19
C PHE D 162 16.77 33.40 17.42
N ASP D 163 17.48 33.70 18.49
CA ASP D 163 16.85 34.36 19.65
C ASP D 163 16.26 35.69 19.21
N ALA D 164 16.99 36.48 18.43
CA ALA D 164 16.49 37.78 17.99
C ALA D 164 15.34 37.62 17.03
N ILE D 165 15.43 36.57 16.20
CA ILE D 165 14.41 36.32 15.19
C ILE D 165 13.06 36.00 15.84
N LYS D 166 13.09 35.17 16.87
CA LYS D 166 11.88 34.81 17.59
C LYS D 166 11.23 36.05 18.17
N THR D 167 12.05 36.87 18.82
CA THR D 167 11.58 38.12 19.38
C THR D 167 11.01 39.02 18.29
N TYR D 168 11.69 39.06 17.14
CA TYR D 168 11.26 39.89 16.04
C TYR D 168 9.88 39.45 15.55
N LEU D 169 9.67 38.14 15.49
CA LEU D 169 8.44 37.54 14.96
C LEU D 169 7.43 37.14 16.04
N ASP D 170 7.77 37.38 17.31
CA ASP D 170 6.89 37.10 18.42
C ASP D 170 6.46 35.62 18.45
N MSE D 171 7.43 34.74 18.28
CA MSE D 171 7.20 33.30 18.31
C MSE D 171 7.04 32.86 19.74
O MSE D 171 7.56 33.51 20.65
CB MSE D 171 8.44 32.56 17.76
CG MSE D 171 8.94 33.07 16.42
SE MSE D 171 7.77 32.54 14.97
CE MSE D 171 6.07 33.62 15.32
N PRO D 172 6.31 31.75 19.97
CA PRO D 172 6.28 31.17 21.31
C PRO D 172 7.65 30.59 21.62
N ASN D 173 8.15 30.65 22.86
CA ASN D 173 9.42 29.96 23.12
C ASN D 173 9.29 28.47 23.41
N GLY D 174 8.11 27.90 23.20
CA GLY D 174 7.98 26.44 23.17
C GLY D 174 8.48 25.93 21.81
N TRP D 175 8.66 26.87 20.88
CA TRP D 175 9.09 26.53 19.53
C TRP D 175 10.58 26.70 19.42
N GLU D 176 11.26 25.60 19.13
CA GLU D 176 12.69 25.61 18.99
C GLU D 176 13.03 25.88 17.53
N PRO D 177 13.88 26.87 17.26
CA PRO D 177 14.24 27.14 15.85
C PRO D 177 15.16 26.05 15.34
N ILE D 178 14.86 25.49 14.18
CA ILE D 178 15.65 24.39 13.63
C ILE D 178 16.47 24.90 12.44
N LEU D 179 15.80 25.54 11.48
N LEU D 179 15.81 25.67 11.56
CA LEU D 179 16.49 26.06 10.31
CA LEU D 179 16.44 26.01 10.33
C LEU D 179 15.77 27.28 9.76
C LEU D 179 15.75 27.18 9.60
N MSE D 180 16.55 28.11 9.10
CA MSE D 180 16.04 29.17 8.19
C MSE D 180 16.35 28.71 6.78
O MSE D 180 17.51 28.35 6.46
CB MSE D 180 16.72 30.51 8.42
CG MSE D 180 16.43 31.53 7.35
SE MSE D 180 17.41 33.24 7.69
CE MSE D 180 16.30 33.80 8.90
N LEU D 181 15.36 28.85 5.90
CA LEU D 181 15.43 28.33 4.54
C LEU D 181 14.86 29.34 3.55
N PRO D 182 15.71 30.26 3.10
CA PRO D 182 15.32 31.13 1.99
C PRO D 182 15.11 30.30 0.75
N VAL D 183 14.04 30.59 0.02
CA VAL D 183 13.65 29.93 -1.21
C VAL D 183 13.44 30.97 -2.28
N GLY D 184 13.99 30.75 -3.46
CA GLY D 184 13.77 31.67 -4.57
C GLY D 184 14.25 31.12 -5.88
N LYS D 185 14.22 31.97 -6.89
CA LYS D 185 14.69 31.64 -8.24
C LYS D 185 16.19 31.91 -8.27
N ALA D 186 16.98 30.90 -8.60
CA ALA D 186 18.45 31.07 -8.69
C ALA D 186 18.86 31.99 -9.82
N LEU D 187 19.72 32.96 -9.53
CA LEU D 187 20.39 33.75 -10.58
C LEU D 187 21.71 33.07 -10.93
N GLN D 188 22.21 32.26 -10.01
CA GLN D 188 23.43 31.49 -10.24
C GLN D 188 23.25 30.13 -9.62
N ALA D 189 23.58 29.09 -10.38
CA ALA D 189 23.58 27.73 -9.89
C ALA D 189 24.54 27.54 -8.72
N GLY D 190 24.22 26.58 -7.85
CA GLY D 190 25.09 26.23 -6.76
C GLY D 190 26.33 25.53 -7.31
N ASN D 191 27.32 25.33 -6.46
CA ASN D 191 28.55 24.68 -6.90
C ASN D 191 28.44 23.17 -6.83
N PRO D 192 29.27 22.44 -7.61
CA PRO D 192 29.29 20.98 -7.55
C PRO D 192 29.50 20.42 -6.15
N HIS D 193 28.90 19.27 -5.89
CA HIS D 193 29.07 18.63 -4.60
C HIS D 193 30.49 18.15 -4.44
N VAL D 194 31.06 18.47 -3.29
CA VAL D 194 32.37 17.95 -2.90
C VAL D 194 32.13 17.25 -1.58
N ARG D 195 32.40 15.94 -1.56
CA ARG D 195 32.12 15.15 -0.36
C ARG D 195 33.21 14.10 -0.11
N LYS D 196 33.28 13.68 1.15
CA LYS D 196 34.10 12.53 1.55
C LYS D 196 33.56 11.31 0.84
N SER D 197 34.42 10.38 0.47
CA SER D 197 33.99 9.20 -0.24
C SER D 197 33.23 8.25 0.64
N VAL D 198 32.46 7.35 0.02
CA VAL D 198 31.74 6.30 0.75
C VAL D 198 32.72 5.46 1.60
N ALA D 199 33.89 5.15 1.08
CA ALA D 199 34.83 4.33 1.84
C ALA D 199 35.37 5.03 3.10
N GLU D 200 35.27 6.34 3.16
CA GLU D 200 35.71 7.08 4.33
C GLU D 200 34.63 7.17 5.39
N PHE D 201 33.34 7.13 5.05
CA PHE D 201 32.32 7.23 6.12
C PHE D 201 31.46 6.01 6.34
N ALA D 202 31.54 4.99 5.49
CA ALA D 202 30.63 3.85 5.58
C ALA D 202 31.38 2.54 5.61
N GLU D 203 30.83 1.58 6.34
CA GLU D 203 31.40 0.23 6.40
C GLU D 203 30.27 -0.71 5.94
N ILE D 204 30.55 -1.65 5.05
CA ILE D 204 29.56 -2.66 4.72
C ILE D 204 30.02 -4.01 5.23
N ILE D 205 29.18 -4.63 6.05
CA ILE D 205 29.52 -5.93 6.67
C ILE D 205 28.66 -7.07 6.12
N GLU D 206 29.31 -8.09 5.59
CA GLU D 206 28.64 -9.32 5.22
C GLU D 206 29.18 -10.51 6.04
N1 FMN E . -7.68 -3.03 -12.68
C2 FMN E . -7.00 -2.54 -13.77
O2 FMN E . -5.83 -2.04 -13.68
N3 FMN E . -7.64 -2.51 -14.99
C4 FMN E . -8.90 -2.96 -15.21
O4 FMN E . -9.34 -2.90 -16.38
C4A FMN E . -9.60 -3.45 -14.09
N5 FMN E . -10.92 -3.90 -14.25
C5A FMN E . -11.45 -4.66 -13.23
C6 FMN E . -12.62 -5.36 -13.45
C7 FMN E . -13.16 -6.15 -12.45
C7M FMN E . -14.46 -6.89 -12.77
C8 FMN E . -12.53 -6.28 -11.24
C8M FMN E . -13.06 -7.19 -10.17
C9 FMN E . -11.33 -5.59 -11.02
C9A FMN E . -10.80 -4.77 -12.01
N10 FMN E . -9.62 -4.05 -11.76
C10 FMN E . -8.97 -3.50 -12.85
C1' FMN E . -8.92 -4.16 -10.45
C2' FMN E . -9.56 -3.27 -9.40
O2' FMN E . -9.26 -1.92 -9.68
C3' FMN E . -9.04 -3.62 -7.99
O3' FMN E . -9.45 -4.94 -7.68
C4' FMN E . -9.59 -2.73 -6.90
O4' FMN E . -9.13 -1.41 -7.08
C5' FMN E . -9.19 -3.26 -5.52
O5' FMN E . -7.77 -3.34 -5.49
P FMN E . -7.10 -4.75 -5.03
O1P FMN E . -7.46 -5.83 -6.02
O2P FMN E . -7.57 -5.10 -3.66
O3P FMN E . -5.60 -4.47 -5.00
S SO4 F . 4.74 -28.78 -21.56
O1 SO4 F . 3.45 -28.09 -21.59
O2 SO4 F . 5.16 -28.98 -20.17
O3 SO4 F . 5.82 -28.05 -22.13
O4 SO4 F . 4.50 -30.13 -22.13
C1 GOL G . -5.95 -3.63 4.83
O1 GOL G . -5.46 -2.43 4.30
C2 GOL G . -4.93 -4.76 4.65
O2 GOL G . -4.52 -4.86 3.30
C3 GOL G . -3.69 -4.52 5.52
O3 GOL G . -2.65 -5.36 5.06
C1 GOL H . 2.30 -8.10 -4.37
O1 GOL H . 1.95 -7.46 -3.19
C2 GOL H . 3.46 -9.05 -4.17
O2 GOL H . 4.47 -8.72 -5.08
C3 GOL H . 4.16 -9.05 -2.82
O3 GOL H . 3.54 -9.91 -1.88
C1 GOL I . -7.97 -0.37 -3.12
O1 GOL I . -7.33 -1.43 -2.52
C2 GOL I . -7.36 -0.09 -4.45
O2 GOL I . -8.41 0.16 -5.34
C3 GOL I . -6.47 1.14 -4.32
O3 GOL I . -5.31 0.71 -3.61
C1 GOL J . -27.54 -28.73 -5.86
O1 GOL J . -26.74 -29.29 -4.83
C2 GOL J . -27.45 -27.20 -5.87
O2 GOL J . -26.34 -26.68 -6.58
C3 GOL J . -28.64 -26.50 -6.46
O3 GOL J . -28.12 -25.28 -6.99
N1 FMN K . -26.12 -26.39 -2.90
C2 FMN K . -27.31 -26.66 -2.21
O2 FMN K . -27.36 -27.58 -1.41
N3 FMN K . -28.47 -25.94 -2.43
C4 FMN K . -28.44 -24.91 -3.34
O4 FMN K . -29.45 -24.21 -3.49
C4A FMN K . -27.24 -24.57 -3.99
N5 FMN K . -27.26 -23.59 -4.94
C5A FMN K . -26.02 -23.12 -5.40
C6 FMN K . -26.00 -21.94 -6.12
C7 FMN K . -24.77 -21.43 -6.54
C7M FMN K . -24.76 -20.14 -7.29
C8 FMN K . -23.62 -22.09 -6.27
C8M FMN K . -22.28 -21.56 -6.69
C9 FMN K . -23.66 -23.28 -5.59
C9A FMN K . -24.86 -23.81 -5.12
N10 FMN K . -24.93 -25.02 -4.45
C10 FMN K . -26.10 -25.34 -3.80
C1' FMN K . -23.68 -25.75 -4.06
C2' FMN K . -23.19 -26.57 -5.28
O2' FMN K . -24.09 -27.65 -5.47
C3' FMN K . -21.76 -27.01 -5.07
O3' FMN K . -20.87 -25.88 -4.94
C4' FMN K . -21.25 -27.92 -6.20
O4' FMN K . -21.96 -29.15 -6.24
C5' FMN K . -19.76 -28.21 -5.99
O5' FMN K . -19.59 -28.87 -4.75
P FMN K . -18.53 -28.24 -3.69
O1P FMN K . -18.62 -29.20 -2.53
O2P FMN K . -19.08 -26.91 -3.27
O3P FMN K . -17.14 -28.18 -4.24
C1 GOL L . -12.21 -31.82 -0.60
O1 GOL L . -10.82 -32.03 -0.77
C2 GOL L . -12.69 -32.38 0.73
O2 GOL L . -11.87 -31.89 1.76
C3 GOL L . -12.70 -33.92 0.74
O3 GOL L . -13.97 -34.38 1.18
C1 GOL M . -18.65 -32.08 -6.66
O1 GOL M . -17.46 -32.48 -6.01
C2 GOL M . -19.77 -32.11 -5.64
O2 GOL M . -21.01 -31.67 -6.15
C3 GOL M . -19.90 -33.53 -5.14
O3 GOL M . -19.25 -33.53 -3.91
C1 GOL N . -11.24 -0.55 -14.10
O1 GOL N . -12.18 -1.59 -13.86
C2 GOL N . -10.18 -0.63 -13.03
O2 GOL N . -10.80 -1.07 -11.84
C3 GOL N . -9.32 0.62 -12.92
O3 GOL N . -8.56 0.61 -11.72
C1 GOL O . -22.11 -33.67 2.04
O1 GOL O . -22.51 -33.08 0.82
C2 GOL O . -22.06 -32.50 3.02
O2 GOL O . -23.05 -31.58 2.60
C3 GOL O . -22.26 -32.98 4.48
O3 GOL O . -22.10 -31.92 5.40
N1 FMN P . 8.45 2.76 12.45
C2 FMN P . 8.60 1.49 12.95
O2 FMN P . 7.96 0.55 12.49
N3 FMN P . 9.39 1.27 14.03
C4 FMN P . 10.13 2.25 14.63
O4 FMN P . 10.84 1.92 15.61
C4A FMN P . 10.01 3.56 14.14
N5 FMN P . 10.71 4.61 14.73
C5A FMN P . 10.84 5.78 14.01
C6 FMN P . 11.73 6.74 14.45
C7 FMN P . 11.91 7.92 13.72
C7M FMN P . 12.95 8.90 14.23
C8 FMN P . 11.19 8.14 12.57
C8M FMN P . 11.40 9.38 11.79
C9 FMN P . 10.22 7.19 12.17
C9A FMN P . 10.06 6.00 12.89
N10 FMN P . 9.12 5.04 12.45
C10 FMN P . 9.19 3.78 13.03
C1' FMN P . 8.35 5.24 11.20
C2' FMN P . 7.17 6.16 11.52
O2' FMN P . 6.24 5.44 12.29
C3' FMN P . 6.53 6.64 10.23
O3' FMN P . 7.50 7.39 9.51
C4' FMN P . 5.32 7.51 10.44
O4' FMN P . 4.21 6.77 10.92
C5' FMN P . 4.93 8.15 9.10
O5' FMN P . 4.57 7.09 8.18
P FMN P . 5.30 7.08 6.71
O1P FMN P . 4.77 5.83 6.00
O2P FMN P . 6.76 7.00 6.93
O3P FMN P . 4.87 8.29 5.97
C1 GOL Q . 9.32 -6.62 -5.59
O1 GOL Q . 8.92 -5.54 -4.74
C2 GOL Q . 8.66 -7.95 -5.23
O2 GOL Q . 7.32 -7.73 -4.80
C3 GOL Q . 9.44 -8.67 -4.14
O3 GOL Q . 10.78 -8.96 -4.49
C1 GOL R . 27.57 27.36 7.14
O1 GOL R . 27.39 26.27 6.27
C2 GOL R . 28.28 28.51 6.44
O2 GOL R . 27.80 29.74 6.96
C3 GOL R . 28.10 28.47 4.92
O3 GOL R . 29.24 27.91 4.29
C1 GOL S . -0.38 6.11 9.23
O1 GOL S . -0.47 4.74 8.87
C2 GOL S . 1.05 6.56 9.01
O2 GOL S . 1.77 6.53 10.23
C3 GOL S . 1.06 7.98 8.51
O3 GOL S . 1.27 7.99 7.15
N1 FMN T . 24.93 28.13 4.26
C2 FMN T . 25.00 29.51 4.38
O2 FMN T . 25.31 30.20 3.40
N3 FMN T . 24.79 30.12 5.60
C4 FMN T . 24.48 29.39 6.69
O4 FMN T . 24.23 29.99 7.77
C4A FMN T . 24.39 27.97 6.59
N5 FMN T . 24.12 27.19 7.70
C5A FMN T . 23.80 25.85 7.54
C6 FMN T . 23.29 25.15 8.61
C7 FMN T . 22.90 23.81 8.50
C7M FMN T . 22.33 23.05 9.65
C8 FMN T . 23.05 23.21 7.26
C8M FMN T . 22.67 21.80 7.00
C9 FMN T . 23.58 23.91 6.19
C9A FMN T . 23.98 25.26 6.30
N10 FMN T . 24.51 25.97 5.25
C10 FMN T . 24.63 27.36 5.36
C1' FMN T . 24.68 25.37 3.88
C2' FMN T . 25.94 24.49 3.83
O2' FMN T . 27.08 25.33 3.82
C3' FMN T . 25.92 23.56 2.61
O3' FMN T . 24.77 22.75 2.76
C4' FMN T . 27.18 22.71 2.48
O4' FMN T . 28.30 23.56 2.24
C5' FMN T . 27.01 21.73 1.33
O5' FMN T . 26.76 22.45 0.10
P FMN T . 25.41 22.11 -0.75
O1P FMN T . 25.59 23.06 -1.91
O2P FMN T . 24.20 22.31 0.15
O3P FMN T . 25.53 20.67 -1.20
S SO4 U . 0.32 35.70 -3.68
O1 SO4 U . -0.38 36.22 -4.87
O2 SO4 U . -0.01 36.49 -2.49
O3 SO4 U . 1.77 35.90 -3.95
O4 SO4 U . -0.17 34.37 -3.55
C1 GOL V . 30.49 23.79 -1.93
O1 GOL V . 29.86 23.51 -3.14
C2 GOL V . 29.77 23.01 -0.85
O2 GOL V . 30.05 23.59 0.41
C3 GOL V . 30.21 21.57 -0.89
O3 GOL V . 29.66 20.92 -2.00
C1 GOL W . 27.25 29.55 -5.13
O1 GOL W . 27.65 28.82 -3.96
C2 GOL W . 25.73 29.70 -5.09
O2 GOL W . 25.34 30.01 -3.78
C3 GOL W . 25.22 30.74 -6.09
O3 GOL W . 23.81 30.76 -6.06
C1 GOL X . 6.68 3.25 15.87
O1 GOL X . 5.98 2.90 14.69
C2 GOL X . 7.55 4.48 15.63
O2 GOL X . 6.98 5.40 14.79
C3 GOL X . 8.05 5.18 16.87
O3 GOL X . 9.46 5.33 16.82
#